data_3DX2
#
_entry.id   3DX2
#
_cell.length_a   68.630
_cell.length_b   109.281
_cell.length_c   137.770
_cell.angle_alpha   90.000
_cell.angle_beta   90.000
_cell.angle_gamma   90.000
#
_symmetry.space_group_name_H-M   'P 21 21 21'
#
loop_
_entity.id
_entity.type
_entity.pdbx_description
1 polymer 'Alpha-mannosidase 2'
2 non-polymer 'ZINC ION'
3 non-polymer (4R)-2-METHYLPENTANE-2,4-DIOL
4 non-polymer (1R,2R,3R,4S,5R)-4-amino-5-[(R)-methylsulfinyl]cyclopentane-1,2,3-triol
5 non-polymer (4S)-2-METHYL-2,4-PENTANEDIOL
6 water water
#
_entity_poly.entity_id   1
_entity_poly.type   'polypeptide(L)'
_entity_poly.pdbx_seq_one_letter_code
;RSSHHHHHHGEFDDPIRPPLKVARSPRPGQCQDVVQDVPNVDVQMLELYDRMSFKDIDGGVWKQGWNIKYDPLKYNAHHK
LKVFVVPHSHNDPGWIQTFEEYYQHDTKHILSNALRHLHDNPEMKFIWAEISYFARFYHDLGENKKLQMKSIVKNGQLEF
VTGGWVMPDEANSHWRNVLLQLTEGQTWLKQFMNVTPTASWAIDPFGHSPTMPYILQKSGFKNMLIQRTHYSVKKELAQQ
RQLEFLWRQIWDNKGDTALFTHMMPFYSYDIPHTCGPDPKVCCQFDFKRMGSFGLSCPWKVPPRTISDQNVAARSDLLVD
QWKKKAELYRTNVLLIPLGDDFRFKQNTEWDVQRVNYERLFEHINSQAHFNVQAQFGTLQEYFDAVHQAERAGQAEFPTL
SGDFFTYADRSDNYWSGYYTSRPYHKRMDRVLMHYVRAAEMLSAWHSWDGMARIEERLEQARRELSLFQHHDGITGTAKT
HVVVDYEQRMQEALKACQMVMQQSVYRLLTKPSIYSPDFSFSYFTLDDSRWPGSGVEDSRTTIILGEDILPSKHVVMHNT
LPHWREQLVDFYVSSPFVSVTDLANNPVEAQVSPVWSWHHDTLTKTIHPQGSTTKYRIIFKARVPPMGLATYVLTISDSK
PEHTSYASNLLLRKNPTSLPLGQYPEDVKFGDPREISLRVGNGPTLAFSEQGLLKSIQLTQDSPHVPVHFKFLKYGVRSH
GDRSGAYLFLPNGPASPVELGQPVVLVTKGKLESSVSVGLPSVVHQTIMRGGAPEIRNLVDIGSLDNTEIVMRLETHIDS
GDIFYTDLNGLQFIKRRRLDKLPLQANYYPIPSGMFIEDANTRLTLLTGQPLGGSSLASGELEIMQDRRLASDDERGLGQ
GVLDNKPVLHIYRLVLEKVNNCVRPSKLHPAGYLTSAAHKASQSLLDPLDKFIFAENEWIGAQGQFGGDHPSAREDLDVS
VMRRLTKSSAKTQRVGYVLHRTNLMQCGTPEEHTQKLDVCHLLPNVARCERTTLTFLQNLEHLDGMVAPEVCPMETAAYV
SSHSS
;
_entity_poly.pdbx_strand_id   A
#
loop_
_chem_comp.id
_chem_comp.type
_chem_comp.name
_chem_comp.formula
MPD non-polymer (4S)-2-METHYL-2,4-PENTANEDIOL 'C6 H14 O2'
MRD non-polymer (4R)-2-METHYLPENTANE-2,4-DIOL 'C6 H14 O2'
MZB non-polymer (1R,2R,3R,4S,5R)-4-amino-5-[(R)-methylsulfinyl]cyclopentane-1,2,3-triol 'C6 H13 N O4 S'
ZN non-polymer 'ZINC ION' 'Zn 2'
#
# COMPACT_ATOMS: atom_id res chain seq x y z
N GLN A 30 11.02 5.30 -29.01
CA GLN A 30 9.61 5.35 -28.56
C GLN A 30 9.53 4.62 -27.23
N CYS A 31 8.41 3.97 -26.97
CA CYS A 31 8.24 3.22 -25.74
C CYS A 31 8.99 1.91 -25.77
N GLN A 32 9.64 1.54 -24.68
CA GLN A 32 10.18 0.20 -24.49
C GLN A 32 9.04 -0.81 -24.52
N ASP A 33 9.31 -1.96 -25.11
CA ASP A 33 8.38 -3.08 -25.08
C ASP A 33 8.54 -3.79 -23.75
N VAL A 34 7.48 -3.85 -22.95
CA VAL A 34 7.58 -4.40 -21.59
C VAL A 34 7.17 -5.86 -21.52
N VAL A 35 6.89 -6.45 -22.69
CA VAL A 35 6.33 -7.80 -22.74
C VAL A 35 7.32 -8.80 -23.37
N GLN A 36 7.96 -8.41 -24.47
CA GLN A 36 8.57 -9.38 -25.36
C GLN A 36 10.07 -9.52 -25.25
N ASP A 37 10.72 -8.64 -24.49
CA ASP A 37 12.18 -8.66 -24.36
C ASP A 37 12.50 -8.99 -22.92
N VAL A 38 13.07 -10.16 -22.66
CA VAL A 38 13.51 -10.52 -21.31
C VAL A 38 14.77 -9.76 -20.95
N PRO A 39 14.72 -8.90 -19.93
CA PRO A 39 15.94 -8.15 -19.59
C PRO A 39 17.09 -9.04 -19.18
N ASN A 40 18.30 -8.64 -19.61
CA ASN A 40 19.48 -9.33 -19.21
C ASN A 40 20.06 -8.63 -17.98
N VAL A 41 20.00 -9.31 -16.83
CA VAL A 41 20.53 -8.74 -15.57
C VAL A 41 21.47 -9.74 -14.94
N ASP A 42 22.38 -9.27 -14.09
CA ASP A 42 23.29 -10.18 -13.42
C ASP A 42 22.58 -11.04 -12.38
N VAL A 43 21.63 -10.44 -11.68
CA VAL A 43 20.85 -11.16 -10.67
C VAL A 43 19.38 -10.94 -10.96
N GLN A 44 18.66 -12.02 -11.21
CA GLN A 44 17.21 -11.89 -11.35
C GLN A 44 16.62 -12.73 -10.23
N MET A 45 15.87 -12.11 -9.33
CA MET A 45 15.57 -12.77 -8.08
C MET A 45 14.74 -14.08 -8.21
N LEU A 46 13.84 -14.16 -9.19
CA LEU A 46 13.10 -15.42 -9.41
C LEU A 46 14.08 -16.53 -9.82
N GLU A 47 14.99 -16.20 -10.72
N GLU A 47 14.99 -16.21 -10.74
CA GLU A 47 15.96 -17.19 -11.19
CA GLU A 47 16.00 -17.18 -11.19
C GLU A 47 16.95 -17.58 -10.09
C GLU A 47 16.85 -17.60 -10.00
N LEU A 48 17.33 -16.61 -9.25
CA LEU A 48 18.14 -16.90 -8.08
C LEU A 48 17.43 -17.81 -7.10
N TYR A 49 16.18 -17.49 -6.79
CA TYR A 49 15.39 -18.38 -5.94
C TYR A 49 15.32 -19.81 -6.45
N ASP A 50 15.21 -19.97 -7.76
CA ASP A 50 15.06 -21.32 -8.36
C ASP A 50 16.32 -22.14 -8.13
N ARG A 51 17.48 -21.49 -8.10
CA ARG A 51 18.81 -22.18 -7.99
C ARG A 51 19.34 -22.29 -6.57
N MET A 52 18.99 -21.34 -5.71
CA MET A 52 19.53 -21.21 -4.38
C MET A 52 19.15 -22.31 -3.44
N SER A 53 19.99 -22.63 -2.47
CA SER A 53 19.71 -23.70 -1.52
C SER A 53 18.71 -23.58 -0.26
N PHE A 54 18.80 -22.43 0.36
CA PHE A 54 18.10 -22.00 1.57
C PHE A 54 18.43 -22.77 2.84
N LYS A 55 19.39 -23.66 2.78
CA LYS A 55 19.73 -24.39 4.02
C LYS A 55 20.26 -23.42 5.09
N ASP A 56 19.82 -23.64 6.32
CA ASP A 56 20.09 -22.74 7.44
C ASP A 56 21.22 -23.34 8.26
N ILE A 57 22.45 -23.09 7.82
CA ILE A 57 23.58 -23.68 8.50
C ILE A 57 24.27 -22.66 9.41
N ASP A 58 24.82 -23.16 10.51
CA ASP A 58 25.53 -22.35 11.44
C ASP A 58 26.83 -21.87 10.82
N GLY A 59 26.94 -20.57 10.62
CA GLY A 59 28.10 -20.01 9.94
C GLY A 59 29.20 -19.56 10.88
N GLY A 60 29.01 -19.77 12.18
CA GLY A 60 29.94 -19.30 13.21
C GLY A 60 29.48 -18.02 13.87
N VAL A 61 30.42 -17.13 14.18
CA VAL A 61 30.02 -15.88 14.82
C VAL A 61 29.04 -15.11 13.92
N TRP A 62 29.26 -15.13 12.61
CA TRP A 62 28.24 -14.62 11.68
C TRP A 62 27.35 -15.82 11.46
N LYS A 63 26.28 -15.90 12.27
CA LYS A 63 25.51 -17.14 12.32
CA LYS A 63 25.45 -17.11 12.31
C LYS A 63 24.92 -17.55 10.96
N GLN A 64 24.56 -16.59 10.12
CA GLN A 64 23.93 -16.91 8.84
C GLN A 64 24.86 -16.68 7.66
N GLY A 65 26.15 -16.53 7.96
CA GLY A 65 27.14 -16.36 6.89
C GLY A 65 28.27 -17.39 6.99
N TRP A 66 29.50 -16.89 7.05
CA TRP A 66 30.70 -17.76 7.14
C TRP A 66 31.78 -16.94 7.80
N ASN A 67 32.91 -17.57 8.13
CA ASN A 67 34.04 -16.87 8.72
C ASN A 67 34.77 -16.08 7.64
N ILE A 68 34.59 -14.77 7.64
CA ILE A 68 35.16 -13.93 6.62
C ILE A 68 36.68 -13.82 6.79
N LYS A 69 37.39 -13.96 5.70
CA LYS A 69 38.84 -13.81 5.69
C LYS A 69 39.22 -12.66 4.78
N TYR A 70 40.26 -11.93 5.14
CA TYR A 70 40.74 -10.85 4.31
C TYR A 70 42.27 -10.88 4.26
N ASP A 71 42.81 -10.27 3.22
CA ASP A 71 44.25 -10.18 3.07
C ASP A 71 44.66 -8.86 3.70
N PRO A 72 45.48 -8.90 4.77
CA PRO A 72 45.90 -7.67 5.44
C PRO A 72 46.60 -6.70 4.49
N LEU A 73 47.23 -7.23 3.44
CA LEU A 73 47.94 -6.40 2.48
C LEU A 73 47.06 -5.73 1.44
N LYS A 74 45.75 -6.00 1.45
CA LYS A 74 44.82 -5.35 0.51
C LYS A 74 44.84 -3.83 0.63
N TYR A 75 44.88 -3.35 1.86
CA TYR A 75 44.94 -1.92 2.08
CA TYR A 75 44.96 -1.90 2.12
C TYR A 75 46.37 -1.49 2.45
N ASN A 76 46.78 -0.34 1.94
CA ASN A 76 48.14 0.16 2.12
C ASN A 76 48.16 1.67 2.04
N ALA A 77 49.35 2.29 2.08
CA ALA A 77 49.41 3.75 2.11
C ALA A 77 48.70 4.39 0.91
N HIS A 78 48.72 3.71 -0.23
CA HIS A 78 48.16 4.27 -1.46
C HIS A 78 46.73 3.80 -1.73
N HIS A 79 46.20 3.00 -0.79
CA HIS A 79 44.86 2.45 -0.96
C HIS A 79 44.28 2.14 0.41
N LYS A 80 43.70 3.15 1.03
CA LYS A 80 43.23 3.02 2.39
C LYS A 80 41.77 2.64 2.39
N LEU A 81 41.33 2.06 3.50
CA LEU A 81 39.91 1.81 3.69
C LEU A 81 39.29 3.06 4.30
N LYS A 82 38.32 3.65 3.59
CA LYS A 82 37.65 4.84 4.08
CA LYS A 82 37.63 4.85 4.05
C LYS A 82 36.36 4.41 4.74
N VAL A 83 36.23 4.71 6.03
CA VAL A 83 35.12 4.23 6.83
C VAL A 83 34.25 5.39 7.28
N PHE A 84 32.96 5.30 6.94
CA PHE A 84 31.99 6.32 7.36
C PHE A 84 31.08 5.71 8.42
N VAL A 85 31.18 6.23 9.64
CA VAL A 85 30.32 5.82 10.74
C VAL A 85 29.15 6.79 10.78
N VAL A 86 27.95 6.25 10.55
CA VAL A 86 26.79 7.10 10.32
C VAL A 86 25.78 6.97 11.46
N PRO A 87 25.78 7.95 12.38
CA PRO A 87 24.85 7.89 13.51
C PRO A 87 23.41 8.07 13.08
N HIS A 88 22.53 7.27 13.69
CA HIS A 88 21.13 7.29 13.30
C HIS A 88 20.26 6.87 14.47
N SER A 89 18.97 7.14 14.35
CA SER A 89 18.02 6.83 15.40
C SER A 89 16.71 6.44 14.72
N HIS A 90 16.33 5.18 14.86
CA HIS A 90 15.11 4.68 14.18
C HIS A 90 13.88 5.09 15.02
N ASN A 91 13.02 5.96 14.48
CA ASN A 91 11.89 6.48 15.24
C ASN A 91 10.58 6.06 14.59
N ASP A 92 9.91 5.09 15.17
CA ASP A 92 8.64 4.61 14.61
C ASP A 92 7.49 5.56 14.91
N PRO A 93 6.80 6.06 13.88
CA PRO A 93 5.59 6.89 14.09
C PRO A 93 4.39 6.03 14.53
N GLY A 94 4.51 5.46 15.72
CA GLY A 94 3.56 4.52 16.29
C GLY A 94 4.12 3.11 16.20
N TRP A 95 4.04 2.37 17.31
CA TRP A 95 4.33 0.93 17.34
C TRP A 95 3.84 0.39 18.70
N ILE A 96 4.69 0.48 19.71
CA ILE A 96 4.30 0.13 21.09
C ILE A 96 3.66 1.30 21.81
N GLN A 97 3.94 2.51 21.33
CA GLN A 97 3.30 3.72 21.80
C GLN A 97 2.70 4.43 20.58
N THR A 98 1.78 5.36 20.81
CA THR A 98 1.26 6.12 19.67
C THR A 98 2.31 7.11 19.19
N PHE A 99 2.09 7.65 18.00
CA PHE A 99 2.92 8.75 17.51
C PHE A 99 3.14 9.82 18.59
N GLU A 100 2.05 10.29 19.19
CA GLU A 100 2.19 11.41 20.11
C GLU A 100 2.90 10.99 21.40
N GLU A 101 2.60 9.77 21.87
CA GLU A 101 3.29 9.26 23.07
C GLU A 101 4.79 9.17 22.82
N TYR A 102 5.19 8.59 21.68
CA TYR A 102 6.63 8.51 21.40
C TYR A 102 7.23 9.90 21.23
N TYR A 103 6.47 10.81 20.63
CA TYR A 103 7.00 12.15 20.45
C TYR A 103 7.29 12.77 21.82
N GLN A 104 6.34 12.66 22.74
CA GLN A 104 6.52 13.27 24.06
C GLN A 104 7.60 12.57 24.90
N HIS A 105 7.65 11.24 24.82
CA HIS A 105 8.54 10.46 25.69
C HIS A 105 9.94 10.34 25.14
N ASP A 106 10.07 10.34 23.81
CA ASP A 106 11.36 10.00 23.19
C ASP A 106 11.80 10.98 22.12
N THR A 107 11.02 11.09 21.05
CA THR A 107 11.52 11.76 19.84
C THR A 107 11.79 13.24 20.06
N LYS A 108 10.96 13.92 20.87
CA LYS A 108 11.25 15.34 21.05
C LYS A 108 12.60 15.57 21.75
N HIS A 109 12.98 14.64 22.62
CA HIS A 109 14.27 14.69 23.33
C HIS A 109 15.40 14.34 22.39
N ILE A 110 15.20 13.32 21.56
CA ILE A 110 16.21 12.97 20.57
C ILE A 110 16.52 14.15 19.66
N LEU A 111 15.48 14.78 19.12
CA LEU A 111 15.73 15.90 18.21
C LEU A 111 16.28 17.13 18.90
N SER A 112 15.79 17.39 20.11
CA SER A 112 16.31 18.53 20.86
CA SER A 112 16.31 18.49 20.93
C SER A 112 17.80 18.32 21.21
N ASN A 113 18.14 17.11 21.63
CA ASN A 113 19.54 16.85 21.95
C ASN A 113 20.41 16.74 20.73
N ALA A 114 19.85 16.24 19.63
CA ALA A 114 20.60 16.24 18.35
C ALA A 114 20.95 17.67 17.95
N LEU A 115 19.98 18.58 18.08
CA LEU A 115 20.23 19.97 17.72
C LEU A 115 21.40 20.52 18.55
N ARG A 116 21.35 20.30 19.85
CA ARG A 116 22.37 20.85 20.74
C ARG A 116 23.74 20.22 20.47
N HIS A 117 23.77 18.89 20.41
N HIS A 117 23.77 18.89 20.40
CA HIS A 117 25.06 18.23 20.27
CA HIS A 117 25.02 18.16 20.29
C HIS A 117 25.70 18.50 18.92
C HIS A 117 25.70 18.33 18.93
N LEU A 118 24.92 18.46 17.87
CA LEU A 118 25.48 18.74 16.54
C LEU A 118 25.95 20.18 16.49
N HIS A 119 25.16 21.10 17.00
CA HIS A 119 25.57 22.48 17.02
C HIS A 119 26.93 22.61 17.72
N ASP A 120 27.08 21.94 18.87
CA ASP A 120 28.30 22.11 19.69
C ASP A 120 29.49 21.27 19.25
N ASN A 121 29.28 20.31 18.35
CA ASN A 121 30.32 19.36 17.95
C ASN A 121 30.36 19.26 16.45
N PRO A 122 31.10 20.15 15.80
CA PRO A 122 30.99 20.33 14.35
C PRO A 122 31.28 19.11 13.50
N GLU A 123 32.05 18.14 14.02
CA GLU A 123 32.41 16.95 13.22
C GLU A 123 31.39 15.82 13.38
N MET A 124 30.50 15.95 14.36
CA MET A 124 29.47 14.92 14.60
C MET A 124 28.41 15.04 13.50
N LYS A 125 27.84 13.89 13.14
CA LYS A 125 26.87 13.78 12.05
C LYS A 125 25.69 12.99 12.52
N PHE A 126 24.56 13.10 11.82
CA PHE A 126 23.35 12.37 12.20
C PHE A 126 22.45 12.36 10.99
N ILE A 127 21.78 11.23 10.75
CA ILE A 127 20.79 11.17 9.68
C ILE A 127 19.40 11.02 10.26
N TRP A 128 18.41 11.56 9.54
CA TRP A 128 17.04 11.55 10.03
C TRP A 128 16.10 11.17 8.88
N ALA A 129 15.21 10.19 9.13
CA ALA A 129 14.29 9.68 8.10
C ALA A 129 12.84 10.14 8.18
N GLU A 130 12.26 10.20 9.38
CA GLU A 130 10.79 10.27 9.51
C GLU A 130 10.35 11.74 9.64
N ILE A 131 9.84 12.28 8.55
CA ILE A 131 9.56 13.72 8.54
C ILE A 131 8.28 14.05 9.35
N SER A 132 7.38 13.08 9.53
CA SER A 132 6.26 13.31 10.43
C SER A 132 6.71 13.80 11.79
N TYR A 133 7.71 13.13 12.36
CA TYR A 133 8.26 13.58 13.65
C TYR A 133 9.01 14.90 13.52
N PHE A 134 9.77 15.06 12.45
CA PHE A 134 10.60 16.25 12.34
C PHE A 134 9.73 17.49 12.22
N ALA A 135 8.66 17.38 11.43
CA ALA A 135 7.70 18.49 11.30
C ALA A 135 7.00 18.77 12.63
N ARG A 136 6.66 17.72 13.39
CA ARG A 136 6.01 17.85 14.70
C ARG A 136 6.92 18.62 15.63
N PHE A 137 8.23 18.36 15.51
CA PHE A 137 9.22 19.00 16.36
C PHE A 137 9.49 20.43 15.96
N TYR A 138 9.73 20.64 14.67
CA TYR A 138 10.22 21.91 14.19
C TYR A 138 9.17 22.97 14.41
N HIS A 139 7.91 22.60 14.33
CA HIS A 139 6.88 23.61 14.48
C HIS A 139 6.70 24.05 15.93
N ASP A 140 7.24 23.28 16.88
CA ASP A 140 7.26 23.68 18.28
C ASP A 140 8.51 24.45 18.68
N LEU A 141 9.46 24.59 17.76
CA LEU A 141 10.69 25.32 18.03
C LEU A 141 10.49 26.81 17.92
N GLY A 142 11.14 27.53 18.81
CA GLY A 142 11.29 28.98 18.66
C GLY A 142 12.20 29.32 17.50
N GLU A 143 12.11 30.56 17.02
CA GLU A 143 12.83 31.00 15.84
C GLU A 143 14.34 30.85 16.00
N ASN A 144 14.90 31.11 17.18
CA ASN A 144 16.34 30.93 17.38
C ASN A 144 16.77 29.49 17.12
N LYS A 145 15.99 28.53 17.63
CA LYS A 145 16.31 27.11 17.45
C LYS A 145 16.06 26.66 16.01
N LYS A 146 15.03 27.21 15.36
CA LYS A 146 14.82 26.94 13.94
C LYS A 146 16.01 27.35 13.12
N LEU A 147 16.55 28.53 13.40
CA LEU A 147 17.75 28.99 12.72
C LEU A 147 18.96 28.07 12.97
N GLN A 148 19.16 27.66 14.22
CA GLN A 148 20.24 26.74 14.52
C GLN A 148 20.06 25.42 13.76
N MET A 149 18.81 24.94 13.68
CA MET A 149 18.53 23.69 12.98
C MET A 149 18.82 23.82 11.49
N LYS A 150 18.38 24.94 10.90
CA LYS A 150 18.63 25.16 9.48
C LYS A 150 20.13 25.16 9.21
N SER A 151 20.91 25.72 10.13
N SER A 151 20.91 25.74 10.12
CA SER A 151 22.36 25.83 10.01
CA SER A 151 22.34 25.80 9.97
C SER A 151 23.11 24.49 10.05
C SER A 151 22.98 24.42 9.92
N ILE A 152 22.63 23.54 10.86
CA ILE A 152 23.24 22.20 10.90
C ILE A 152 22.77 21.33 9.75
N VAL A 153 21.63 21.67 9.15
CA VAL A 153 21.24 21.00 7.91
C VAL A 153 22.03 21.57 6.71
N LYS A 154 22.11 22.89 6.64
CA LYS A 154 22.82 23.53 5.53
C LYS A 154 24.31 23.15 5.50
N ASN A 155 24.95 22.99 6.66
CA ASN A 155 26.36 22.63 6.75
C ASN A 155 26.63 21.13 6.68
N GLY A 156 25.58 20.34 6.52
CA GLY A 156 25.75 18.89 6.26
C GLY A 156 25.88 18.01 7.50
N GLN A 157 25.71 18.55 8.70
CA GLN A 157 25.84 17.71 9.89
C GLN A 157 24.61 16.83 10.10
N LEU A 158 23.43 17.44 9.95
CA LEU A 158 22.18 16.70 10.03
C LEU A 158 21.69 16.51 8.60
N GLU A 159 21.49 15.25 8.18
CA GLU A 159 21.13 14.97 6.81
C GLU A 159 19.86 14.16 6.81
N PHE A 160 18.89 14.62 6.03
CA PHE A 160 17.67 13.86 5.86
C PHE A 160 17.87 12.76 4.84
N VAL A 161 17.39 11.59 5.20
CA VAL A 161 17.48 10.42 4.32
C VAL A 161 16.05 10.01 3.99
N THR A 162 15.80 9.78 2.69
CA THR A 162 14.47 9.59 2.10
C THR A 162 13.62 10.83 2.18
N GLY A 163 13.29 11.25 3.39
CA GLY A 163 12.49 12.45 3.56
C GLY A 163 11.01 12.23 3.36
N GLY A 164 10.56 10.99 3.48
CA GLY A 164 9.11 10.74 3.52
C GLY A 164 8.53 11.04 4.87
N TRP A 165 7.21 11.15 4.89
CA TRP A 165 6.52 11.37 6.16
C TRP A 165 6.84 10.22 7.11
N VAL A 166 6.99 9.02 6.54
CA VAL A 166 7.31 7.82 7.32
C VAL A 166 8.36 7.00 6.54
N MET A 167 8.74 5.85 7.10
CA MET A 167 9.51 4.83 6.38
C MET A 167 8.46 3.76 6.13
N PRO A 168 7.87 3.76 4.93
CA PRO A 168 6.64 2.95 4.77
C PRO A 168 6.89 1.44 4.66
N ASP A 169 5.87 0.68 5.05
CA ASP A 169 5.75 -0.68 4.58
C ASP A 169 5.91 -0.74 3.08
N GLU A 170 6.52 -1.83 2.61
CA GLU A 170 6.66 -2.01 1.16
C GLU A 170 5.82 -3.15 0.61
N ALA A 171 5.16 -3.92 1.50
CA ALA A 171 4.35 -5.09 1.08
C ALA A 171 2.90 -4.75 0.81
N ASN A 172 2.26 -4.07 1.77
CA ASN A 172 0.81 -3.85 1.69
C ASN A 172 0.46 -2.51 1.08
N SER A 173 1.42 -1.59 1.08
CA SER A 173 1.18 -0.21 0.69
C SER A 173 0.91 -0.11 -0.80
N HIS A 174 -0.05 0.74 -1.16
CA HIS A 174 -0.27 1.01 -2.55
C HIS A 174 0.75 2.02 -3.03
N TRP A 175 1.27 1.87 -4.26
CA TRP A 175 2.25 2.84 -4.76
C TRP A 175 1.76 4.28 -4.68
N ARG A 176 0.45 4.48 -4.85
CA ARG A 176 -0.06 5.85 -4.83
C ARG A 176 0.16 6.45 -3.44
N ASN A 177 0.07 5.63 -2.39
CA ASN A 177 0.25 6.14 -1.05
C ASN A 177 1.72 6.21 -0.65
N VAL A 178 2.54 5.32 -1.22
CA VAL A 178 3.98 5.49 -1.05
C VAL A 178 4.36 6.86 -1.61
N LEU A 179 3.87 7.18 -2.80
CA LEU A 179 4.16 8.48 -3.37
C LEU A 179 3.59 9.61 -2.52
N LEU A 180 2.37 9.45 -2.04
CA LEU A 180 1.73 10.48 -1.23
C LEU A 180 2.60 10.82 -0.04
N GLN A 181 3.02 9.80 0.70
CA GLN A 181 3.78 10.07 1.94
C GLN A 181 5.17 10.63 1.62
N LEU A 182 5.78 10.15 0.53
CA LEU A 182 7.08 10.70 0.12
C LEU A 182 6.93 12.17 -0.21
N THR A 183 5.85 12.50 -0.93
CA THR A 183 5.64 13.88 -1.33
C THR A 183 5.32 14.75 -0.10
N GLU A 184 4.61 14.20 0.88
CA GLU A 184 4.22 15.01 2.05
C GLU A 184 5.50 15.39 2.82
N GLY A 185 6.38 14.42 3.03
CA GLY A 185 7.63 14.73 3.73
C GLY A 185 8.56 15.61 2.92
N GLN A 186 8.71 15.31 1.62
CA GLN A 186 9.67 16.08 0.85
C GLN A 186 9.18 17.50 0.61
N THR A 187 7.86 17.70 0.49
CA THR A 187 7.34 19.05 0.30
C THR A 187 7.62 19.89 1.56
N TRP A 188 7.41 19.28 2.71
CA TRP A 188 7.73 19.92 3.99
C TRP A 188 9.23 20.29 4.00
N LEU A 189 10.09 19.33 3.66
CA LEU A 189 11.54 19.59 3.70
C LEU A 189 11.91 20.70 2.74
N LYS A 190 11.35 20.73 1.54
CA LYS A 190 11.75 21.78 0.61
CA LYS A 190 11.71 21.77 0.59
C LYS A 190 11.32 23.16 1.13
N GLN A 191 10.11 23.25 1.64
CA GLN A 191 9.57 24.49 2.13
C GLN A 191 10.32 25.02 3.34
N PHE A 192 10.63 24.16 4.30
CA PHE A 192 11.16 24.63 5.56
C PHE A 192 12.65 24.45 5.75
N MET A 193 13.22 23.43 5.11
N MET A 193 13.22 23.44 5.09
CA MET A 193 14.65 23.15 5.24
CA MET A 193 14.65 23.15 5.24
C MET A 193 15.45 23.45 3.97
C MET A 193 15.45 23.34 3.95
N ASN A 194 14.75 23.65 2.86
CA ASN A 194 15.39 23.89 1.57
C ASN A 194 16.32 22.77 1.16
N VAL A 195 15.88 21.52 1.38
CA VAL A 195 16.65 20.38 0.92
C VAL A 195 15.69 19.33 0.39
N THR A 196 16.17 18.54 -0.56
CA THR A 196 15.47 17.39 -1.13
C THR A 196 16.44 16.21 -1.14
N PRO A 197 16.21 15.23 -0.25
CA PRO A 197 17.08 14.04 -0.24
C PRO A 197 17.14 13.31 -1.56
N THR A 198 18.31 12.79 -1.91
CA THR A 198 18.48 11.97 -3.10
C THR A 198 19.00 10.59 -2.71
N ALA A 199 19.13 10.32 -1.41
CA ALA A 199 19.50 9.00 -0.90
C ALA A 199 18.40 8.51 0.01
N SER A 200 17.97 7.26 -0.16
CA SER A 200 16.92 6.69 0.65
C SER A 200 17.47 5.69 1.67
N TRP A 201 16.80 5.61 2.83
CA TRP A 201 17.22 4.75 3.95
C TRP A 201 16.00 4.00 4.42
N ALA A 202 15.98 2.68 4.19
CA ALA A 202 14.82 1.85 4.57
C ALA A 202 15.38 0.65 5.33
N ILE A 203 15.54 0.83 6.64
CA ILE A 203 16.21 -0.21 7.44
C ILE A 203 15.27 -1.22 8.09
N ASP A 204 13.99 -0.86 8.20
CA ASP A 204 13.06 -1.68 8.97
C ASP A 204 11.85 -2.33 8.24
N PRO A 205 11.45 -1.86 7.03
CA PRO A 205 10.30 -2.57 6.44
C PRO A 205 10.58 -4.08 6.27
N PHE A 206 9.55 -4.92 6.37
CA PHE A 206 9.79 -6.37 6.56
C PHE A 206 9.83 -7.06 5.18
N GLY A 207 10.95 -6.86 4.50
CA GLY A 207 11.05 -7.21 3.08
C GLY A 207 10.91 -5.95 2.23
N HIS A 208 11.40 -6.02 1.00
CA HIS A 208 11.54 -4.85 0.16
C HIS A 208 10.99 -5.05 -1.25
N SER A 209 10.41 -3.96 -1.77
CA SER A 209 9.74 -3.97 -3.07
C SER A 209 10.44 -3.08 -4.11
N PRO A 210 10.50 -3.54 -5.37
CA PRO A 210 11.06 -2.69 -6.42
C PRO A 210 10.18 -1.48 -6.74
N THR A 211 8.96 -1.41 -6.18
CA THR A 211 8.20 -0.18 -6.35
C THR A 211 8.96 1.00 -5.74
N MET A 212 9.78 0.74 -4.72
CA MET A 212 10.52 1.85 -4.11
C MET A 212 11.52 2.48 -5.08
N PRO A 213 12.47 1.72 -5.63
CA PRO A 213 13.36 2.38 -6.60
C PRO A 213 12.58 2.98 -7.78
N TYR A 214 11.47 2.35 -8.18
CA TYR A 214 10.66 2.91 -9.26
C TYR A 214 10.24 4.34 -8.97
N ILE A 215 9.63 4.55 -7.81
CA ILE A 215 9.15 5.86 -7.40
C ILE A 215 10.32 6.79 -7.09
N LEU A 216 11.32 6.28 -6.39
CA LEU A 216 12.43 7.12 -6.00
C LEU A 216 13.20 7.64 -7.20
N GLN A 217 13.46 6.76 -8.17
CA GLN A 217 14.27 7.17 -9.31
C GLN A 217 13.52 8.22 -10.13
N LYS A 218 12.19 8.18 -10.10
CA LYS A 218 11.36 9.19 -10.78
C LYS A 218 11.11 10.44 -9.91
N SER A 219 11.69 10.45 -8.71
CA SER A 219 11.59 11.56 -7.76
C SER A 219 12.97 12.14 -7.45
N GLY A 220 13.93 11.92 -8.35
CA GLY A 220 15.25 12.57 -8.28
C GLY A 220 16.30 11.80 -7.49
N PHE A 221 15.96 10.62 -6.97
CA PHE A 221 16.92 9.91 -6.17
C PHE A 221 18.02 9.31 -6.99
N LYS A 222 19.17 9.15 -6.32
CA LYS A 222 20.34 8.55 -6.96
C LYS A 222 20.80 7.29 -6.25
N ASN A 223 20.36 7.09 -5.00
CA ASN A 223 20.84 5.94 -4.21
C ASN A 223 19.79 5.52 -3.20
N MET A 224 19.79 4.24 -2.86
CA MET A 224 18.92 3.78 -1.78
C MET A 224 19.59 2.65 -1.01
N LEU A 225 19.13 2.46 0.24
CA LEU A 225 19.67 1.44 1.11
C LEU A 225 18.53 0.63 1.69
N ILE A 226 18.71 -0.69 1.73
CA ILE A 226 17.73 -1.62 2.29
C ILE A 226 18.41 -2.57 3.25
N GLN A 227 17.62 -3.24 4.09
CA GLN A 227 18.15 -4.09 5.15
C GLN A 227 17.44 -5.43 5.31
N ARG A 228 16.12 -5.45 5.36
CA ARG A 228 15.47 -6.68 5.77
C ARG A 228 15.19 -7.54 4.58
N THR A 229 16.21 -8.32 4.23
CA THR A 229 16.08 -9.31 3.18
C THR A 229 16.43 -10.67 3.77
N HIS A 230 15.89 -11.72 3.15
CA HIS A 230 16.05 -13.07 3.67
C HIS A 230 17.53 -13.36 3.95
N TYR A 231 17.81 -13.98 5.09
CA TYR A 231 19.20 -14.28 5.43
C TYR A 231 19.94 -15.11 4.38
N SER A 232 19.22 -15.95 3.65
CA SER A 232 19.88 -16.77 2.62
C SER A 232 20.28 -15.90 1.43
N VAL A 233 19.45 -14.89 1.14
CA VAL A 233 19.77 -13.96 0.07
C VAL A 233 20.99 -13.11 0.44
N LYS A 234 21.05 -12.62 1.68
CA LYS A 234 22.23 -11.86 2.12
C LYS A 234 23.47 -12.73 1.94
N LYS A 235 23.40 -13.99 2.33
CA LYS A 235 24.61 -14.85 2.24
C LYS A 235 25.00 -15.03 0.78
N GLU A 236 24.03 -15.28 -0.08
CA GLU A 236 24.28 -15.55 -1.48
C GLU A 236 24.86 -14.32 -2.17
N LEU A 237 24.26 -13.15 -1.94
CA LEU A 237 24.80 -11.95 -2.57
C LEU A 237 26.15 -11.56 -1.98
N ALA A 238 26.32 -11.72 -0.67
CA ALA A 238 27.61 -11.39 -0.04
C ALA A 238 28.75 -12.18 -0.68
N GLN A 239 28.50 -13.46 -0.95
CA GLN A 239 29.56 -14.31 -1.49
C GLN A 239 30.06 -13.84 -2.82
N GLN A 240 29.17 -13.20 -3.58
CA GLN A 240 29.47 -12.73 -4.92
C GLN A 240 29.76 -11.23 -4.92
N ARG A 241 29.77 -10.62 -3.74
CA ARG A 241 29.87 -9.15 -3.63
C ARG A 241 28.84 -8.47 -4.52
N GLN A 242 27.61 -8.96 -4.39
CA GLN A 242 26.47 -8.37 -5.14
C GLN A 242 25.47 -7.70 -4.19
N LEU A 243 25.97 -7.19 -3.06
CA LEU A 243 25.11 -6.47 -2.10
C LEU A 243 24.86 -5.03 -2.52
N GLU A 244 25.68 -4.50 -3.42
CA GLU A 244 25.41 -3.22 -4.06
C GLU A 244 25.14 -3.52 -5.50
N PHE A 245 24.03 -2.99 -5.99
CA PHE A 245 23.60 -3.36 -7.32
C PHE A 245 22.75 -2.26 -7.93
N LEU A 246 22.62 -2.25 -9.24
CA LEU A 246 21.76 -1.30 -9.92
C LEU A 246 20.41 -1.99 -10.07
N TRP A 247 19.45 -1.55 -9.26
CA TRP A 247 18.15 -2.23 -9.19
C TRP A 247 17.23 -1.64 -10.24
N ARG A 248 16.92 -2.44 -11.26
CA ARG A 248 15.96 -2.02 -12.28
C ARG A 248 14.66 -2.80 -12.18
N GLN A 249 13.62 -2.27 -12.82
CA GLN A 249 12.34 -2.96 -12.85
C GLN A 249 12.41 -4.25 -13.65
N ILE A 250 11.55 -5.18 -13.32
CA ILE A 250 11.63 -6.52 -13.89
C ILE A 250 11.40 -6.53 -15.40
N TRP A 251 10.67 -5.54 -15.92
CA TRP A 251 10.37 -5.50 -17.35
C TRP A 251 11.33 -4.60 -18.13
N ASP A 252 12.30 -3.99 -17.45
CA ASP A 252 13.06 -2.90 -18.03
C ASP A 252 14.28 -3.42 -18.77
N ASN A 253 14.17 -3.52 -20.10
CA ASN A 253 15.24 -4.08 -20.87
C ASN A 253 16.45 -3.17 -20.99
N LYS A 254 16.21 -1.86 -21.04
CA LYS A 254 17.29 -0.89 -21.28
C LYS A 254 18.04 -0.55 -20.01
N GLY A 255 17.31 -0.47 -18.90
CA GLY A 255 17.92 -0.12 -17.62
C GLY A 255 17.69 1.31 -17.17
N ASP A 256 16.80 2.06 -17.85
CA ASP A 256 16.60 3.48 -17.49
C ASP A 256 15.93 3.66 -16.12
N THR A 257 15.30 2.61 -15.61
CA THR A 257 14.73 2.68 -14.25
C THR A 257 15.74 2.41 -13.14
N ALA A 258 16.97 2.03 -13.48
CA ALA A 258 17.91 1.53 -12.48
C ALA A 258 18.21 2.55 -11.38
N LEU A 259 18.30 2.05 -10.15
CA LEU A 259 18.72 2.89 -9.03
C LEU A 259 19.75 2.14 -8.22
N PHE A 260 20.88 2.79 -7.97
CA PHE A 260 21.91 2.17 -7.17
C PHE A 260 21.38 1.86 -5.77
N THR A 261 21.57 0.61 -5.34
CA THR A 261 21.02 0.13 -4.10
C THR A 261 22.10 -0.56 -3.28
N HIS A 262 22.15 -0.25 -2.00
CA HIS A 262 23.02 -0.92 -1.04
C HIS A 262 22.19 -1.76 -0.11
N MET A 263 22.41 -3.07 -0.12
CA MET A 263 21.79 -3.97 0.82
C MET A 263 22.78 -4.20 1.96
N MET A 264 22.36 -3.93 3.20
CA MET A 264 23.19 -4.24 4.37
CA MET A 264 23.22 -4.25 4.33
C MET A 264 23.30 -5.76 4.51
N PRO A 265 24.43 -6.25 5.05
CA PRO A 265 24.67 -7.69 4.97
C PRO A 265 24.24 -8.58 6.12
N PHE A 266 23.88 -7.98 7.25
CA PHE A 266 23.77 -8.71 8.50
C PHE A 266 22.33 -8.75 9.03
N TYR A 267 22.16 -9.37 10.19
CA TYR A 267 20.84 -9.74 10.67
C TYR A 267 20.01 -8.54 11.09
N SER A 268 20.66 -7.47 11.52
CA SER A 268 19.95 -6.29 12.04
C SER A 268 20.67 -5.02 11.66
N TYR A 269 20.00 -3.88 11.81
CA TYR A 269 20.67 -2.59 11.65
C TYR A 269 21.18 -2.08 13.00
N ASP A 270 21.02 -2.85 14.07
CA ASP A 270 21.54 -2.40 15.37
C ASP A 270 23.06 -2.44 15.39
N ILE A 271 23.66 -1.87 16.44
CA ILE A 271 25.11 -1.74 16.45
C ILE A 271 25.82 -3.10 16.47
N PRO A 272 25.33 -4.08 17.27
CA PRO A 272 25.96 -5.42 17.20
C PRO A 272 25.99 -6.02 15.79
N HIS A 273 25.09 -5.61 14.90
CA HIS A 273 25.06 -6.23 13.56
C HIS A 273 25.45 -5.26 12.44
N THR A 274 26.15 -4.19 12.79
CA THR A 274 26.55 -3.23 11.77
C THR A 274 28.05 -2.92 11.74
N CYS A 275 28.81 -3.31 12.75
CA CYS A 275 30.26 -3.04 12.70
C CYS A 275 31.03 -4.08 11.91
N GLY A 276 30.47 -5.28 11.74
CA GLY A 276 31.20 -6.42 11.21
C GLY A 276 30.42 -7.68 11.52
N PRO A 277 30.96 -8.82 11.14
CA PRO A 277 30.23 -10.08 11.25
C PRO A 277 30.06 -10.67 12.64
N ASP A 278 30.84 -10.24 13.63
CA ASP A 278 30.76 -10.83 14.97
C ASP A 278 30.04 -9.92 15.97
N PRO A 279 28.77 -10.24 16.28
CA PRO A 279 28.05 -9.30 17.15
C PRO A 279 28.59 -9.28 18.56
N LYS A 280 29.25 -10.35 19.01
CA LYS A 280 29.89 -10.31 20.31
C LYS A 280 30.97 -9.22 20.40
N VAL A 281 31.66 -8.99 19.29
CA VAL A 281 32.62 -7.90 19.21
C VAL A 281 31.90 -6.56 18.98
N CYS A 282 30.99 -6.50 18.00
CA CYS A 282 30.40 -5.20 17.69
C CYS A 282 29.61 -4.65 18.86
N CYS A 283 28.99 -5.52 19.67
CA CYS A 283 28.23 -5.04 20.81
C CYS A 283 29.11 -4.23 21.77
N GLN A 284 30.41 -4.55 21.81
CA GLN A 284 31.35 -3.81 22.66
C GLN A 284 31.63 -2.39 22.19
N PHE A 285 31.08 -2.03 21.03
CA PHE A 285 31.27 -0.72 20.48
C PHE A 285 29.93 0.02 20.39
N ASP A 286 28.96 -0.48 21.14
CA ASP A 286 27.73 0.27 21.40
C ASP A 286 27.85 0.80 22.81
N PHE A 287 28.30 2.06 22.94
CA PHE A 287 28.65 2.55 24.26
C PHE A 287 27.48 2.89 25.16
N LYS A 288 26.28 2.69 24.65
CA LYS A 288 25.08 2.79 25.49
C LYS A 288 24.83 1.50 26.28
N ARG A 289 25.65 0.48 26.08
CA ARG A 289 25.39 -0.80 26.74
C ARG A 289 26.26 -1.09 27.99
N MET A 290 26.75 -0.08 28.70
CA MET A 290 27.63 -0.37 29.86
C MET A 290 26.93 -0.48 31.22
N GLY A 291 25.61 -0.19 31.26
CA GLY A 291 24.79 -0.44 32.46
C GLY A 291 23.80 0.65 32.92
N SER A 292 24.27 1.90 32.96
CA SER A 292 23.46 3.01 33.46
C SER A 292 22.26 3.36 32.57
N PHE A 293 22.25 2.86 31.34
CA PHE A 293 21.12 3.05 30.42
C PHE A 293 20.15 1.87 30.37
N GLY A 294 20.37 0.86 31.21
CA GLY A 294 19.47 -0.29 31.21
C GLY A 294 19.57 -1.17 29.98
N LEU A 295 20.72 -1.11 29.33
CA LEU A 295 21.00 -1.96 28.19
C LEU A 295 22.25 -2.76 28.50
N SER A 296 22.38 -3.91 27.87
CA SER A 296 23.56 -4.73 28.05
C SER A 296 23.80 -5.52 26.78
N CYS A 297 24.90 -6.25 26.74
CA CYS A 297 25.25 -7.08 25.59
C CYS A 297 24.89 -8.54 25.87
N PRO A 298 23.97 -9.10 25.08
CA PRO A 298 23.58 -10.50 25.35
C PRO A 298 24.68 -11.53 25.07
N TRP A 299 25.73 -11.12 24.36
CA TRP A 299 26.91 -11.99 24.12
C TRP A 299 27.88 -11.96 25.30
N LYS A 300 27.50 -11.18 26.31
CA LYS A 300 28.11 -11.25 27.66
C LYS A 300 29.46 -10.54 27.79
N VAL A 301 29.87 -9.82 26.76
CA VAL A 301 31.05 -8.97 26.91
C VAL A 301 30.58 -7.51 26.77
N PRO A 302 30.73 -6.71 27.83
CA PRO A 302 30.26 -5.32 27.79
C PRO A 302 31.20 -4.38 27.04
N PRO A 303 30.69 -3.24 26.61
CA PRO A 303 31.60 -2.25 26.09
C PRO A 303 32.49 -1.79 27.23
N ARG A 304 33.69 -1.32 26.86
CA ARG A 304 34.57 -0.68 27.80
C ARG A 304 34.92 0.69 27.26
N THR A 305 34.89 1.69 28.15
CA THR A 305 35.28 3.04 27.81
C THR A 305 36.66 3.04 27.20
N ILE A 306 36.80 3.76 26.09
CA ILE A 306 38.08 3.82 25.41
C ILE A 306 39.02 4.74 26.19
N SER A 307 40.23 4.26 26.44
CA SER A 307 41.25 5.04 27.14
C SER A 307 42.56 4.88 26.37
N ASP A 308 43.57 5.63 26.76
CA ASP A 308 44.91 5.45 26.18
C ASP A 308 45.49 4.04 26.41
N GLN A 309 45.17 3.40 27.54
CA GLN A 309 45.66 2.03 27.83
C GLN A 309 44.98 0.94 27.07
N ASN A 310 43.82 1.24 26.48
CA ASN A 310 43.15 0.18 25.78
C ASN A 310 42.87 0.52 24.32
N VAL A 311 43.16 1.74 23.89
CA VAL A 311 42.69 2.17 22.54
C VAL A 311 43.34 1.33 21.45
N ALA A 312 44.61 0.94 21.61
CA ALA A 312 45.27 0.17 20.56
C ALA A 312 44.61 -1.19 20.42
N ALA A 313 44.33 -1.85 21.55
CA ALA A 313 43.68 -3.16 21.53
C ALA A 313 42.24 -3.04 20.96
N ARG A 314 41.51 -2.04 21.44
CA ARG A 314 40.11 -1.88 21.02
C ARG A 314 40.07 -1.57 19.53
N SER A 315 40.99 -0.73 19.06
CA SER A 315 41.07 -0.38 17.64
C SER A 315 41.39 -1.59 16.80
N ASP A 316 42.33 -2.42 17.26
CA ASP A 316 42.63 -3.65 16.55
C ASP A 316 41.39 -4.55 16.35
N LEU A 317 40.58 -4.71 17.40
CA LEU A 317 39.36 -5.50 17.32
C LEU A 317 38.37 -4.90 16.35
N LEU A 318 38.21 -3.58 16.45
CA LEU A 318 37.20 -2.89 15.63
C LEU A 318 37.61 -2.84 14.15
N VAL A 319 38.87 -2.50 13.89
CA VAL A 319 39.31 -2.47 12.51
C VAL A 319 39.20 -3.83 11.85
N ASP A 320 39.48 -4.88 12.60
CA ASP A 320 39.34 -6.24 12.08
C ASP A 320 37.89 -6.52 11.65
N GLN A 321 36.94 -6.08 12.48
CA GLN A 321 35.51 -6.22 12.08
C GLN A 321 35.20 -5.46 10.80
N TRP A 322 35.68 -4.22 10.74
CA TRP A 322 35.46 -3.39 9.57
C TRP A 322 36.06 -4.01 8.31
N LYS A 323 37.28 -4.53 8.41
CA LYS A 323 37.91 -5.11 7.22
C LYS A 323 37.21 -6.37 6.75
N LYS A 324 36.66 -7.14 7.69
CA LYS A 324 35.82 -8.28 7.33
C LYS A 324 34.55 -7.81 6.62
N LYS A 325 33.87 -6.80 7.18
CA LYS A 325 32.69 -6.30 6.50
C LYS A 325 33.05 -5.80 5.09
N ALA A 326 34.19 -5.13 4.98
CA ALA A 326 34.59 -4.57 3.70
C ALA A 326 34.82 -5.63 2.63
N GLU A 327 35.17 -6.85 3.06
CA GLU A 327 35.32 -7.97 2.11
C GLU A 327 34.06 -8.27 1.32
N LEU A 328 32.91 -7.85 1.84
CA LEU A 328 31.64 -8.20 1.22
C LEU A 328 31.25 -7.20 0.13
N TYR A 329 32.03 -6.12 -0.02
CA TYR A 329 31.71 -5.03 -0.95
C TYR A 329 32.85 -4.76 -1.88
N ARG A 330 32.57 -4.04 -2.95
CA ARG A 330 33.55 -3.88 -4.04
C ARG A 330 34.49 -2.65 -3.98
N THR A 331 34.16 -1.62 -3.21
CA THR A 331 35.01 -0.44 -3.15
C THR A 331 35.78 -0.40 -1.85
N ASN A 332 36.63 0.62 -1.72
CA ASN A 332 37.34 0.85 -0.48
C ASN A 332 36.66 1.88 0.42
N VAL A 333 35.33 1.99 0.28
CA VAL A 333 34.54 2.90 1.08
C VAL A 333 33.54 2.05 1.84
N LEU A 334 33.53 2.15 3.17
CA LEU A 334 32.74 1.25 4.00
C LEU A 334 31.68 2.01 4.79
N LEU A 335 30.45 1.50 4.77
CA LEU A 335 29.36 2.11 5.52
C LEU A 335 29.19 1.38 6.85
N ILE A 336 29.30 2.13 7.95
CA ILE A 336 29.08 1.61 9.30
C ILE A 336 27.97 2.42 9.97
N PRO A 337 26.71 1.97 9.84
CA PRO A 337 25.67 2.64 10.60
C PRO A 337 25.93 2.53 12.11
N LEU A 338 25.54 3.56 12.86
CA LEU A 338 25.71 3.57 14.33
C LEU A 338 24.41 4.03 14.96
N GLY A 339 23.53 3.08 15.26
CA GLY A 339 22.26 3.48 15.88
C GLY A 339 21.34 2.31 16.09
N ASP A 340 20.13 2.59 16.56
CA ASP A 340 19.15 1.58 16.90
C ASP A 340 17.86 2.36 17.17
N ASP A 341 16.86 1.66 17.68
CA ASP A 341 15.53 2.24 17.87
C ASP A 341 15.55 3.32 18.93
N PHE A 342 15.05 4.48 18.58
CA PHE A 342 14.91 5.60 19.52
C PHE A 342 16.22 5.90 20.26
N ARG A 343 17.32 5.79 19.55
CA ARG A 343 18.63 6.12 20.10
C ARG A 343 18.89 7.61 20.06
N PHE A 344 20.01 7.99 20.69
CA PHE A 344 20.46 9.38 20.72
C PHE A 344 19.45 10.28 21.45
N LYS A 345 18.94 9.72 22.53
CA LYS A 345 17.96 10.39 23.37
C LYS A 345 18.68 11.22 24.44
N GLN A 346 19.36 10.54 25.35
CA GLN A 346 19.97 11.22 26.49
C GLN A 346 21.22 12.01 26.07
N ASN A 347 21.42 13.19 26.66
CA ASN A 347 22.68 13.90 26.48
C ASN A 347 23.90 13.01 26.77
N THR A 348 23.81 12.25 27.85
CA THR A 348 24.91 11.38 28.22
C THR A 348 25.16 10.31 27.15
N GLU A 349 24.11 9.91 26.42
CA GLU A 349 24.29 8.97 25.33
C GLU A 349 25.05 9.59 24.15
N TRP A 350 24.68 10.82 23.76
CA TRP A 350 25.42 11.51 22.73
C TRP A 350 26.88 11.56 23.11
N ASP A 351 27.16 11.88 24.37
CA ASP A 351 28.56 12.00 24.79
C ASP A 351 29.27 10.67 24.75
N VAL A 352 28.64 9.63 25.27
CA VAL A 352 29.33 8.36 25.38
C VAL A 352 29.61 7.75 24.01
N GLN A 353 28.71 7.93 23.05
CA GLN A 353 28.98 7.41 21.71
C GLN A 353 30.03 8.28 21.04
N ARG A 354 29.85 9.60 21.09
CA ARG A 354 30.75 10.46 20.33
C ARG A 354 32.18 10.41 20.85
N VAL A 355 32.35 10.55 22.17
CA VAL A 355 33.69 10.64 22.71
C VAL A 355 34.47 9.36 22.50
N ASN A 356 33.84 8.22 22.72
CA ASN A 356 34.52 6.95 22.51
C ASN A 356 34.89 6.73 21.05
N TYR A 357 33.98 7.03 20.13
CA TYR A 357 34.33 6.93 18.71
C TYR A 357 35.42 7.91 18.31
N GLU A 358 35.38 9.14 18.84
CA GLU A 358 36.44 10.10 18.54
C GLU A 358 37.81 9.56 18.98
N ARG A 359 37.86 8.90 20.13
CA ARG A 359 39.15 8.34 20.60
C ARG A 359 39.62 7.25 19.62
N LEU A 360 38.69 6.41 19.17
CA LEU A 360 39.04 5.34 18.24
C LEU A 360 39.52 5.95 16.94
N PHE A 361 38.80 6.94 16.42
CA PHE A 361 39.22 7.54 15.14
C PHE A 361 40.61 8.16 15.26
N GLU A 362 40.86 8.86 16.37
CA GLU A 362 42.16 9.54 16.48
C GLU A 362 43.28 8.49 16.43
N HIS A 363 43.11 7.40 17.17
CA HIS A 363 44.14 6.37 17.18
C HIS A 363 44.25 5.68 15.82
N ILE A 364 43.13 5.18 15.30
CA ILE A 364 43.15 4.44 14.05
C ILE A 364 43.74 5.25 12.92
N ASN A 365 43.31 6.49 12.79
CA ASN A 365 43.71 7.32 11.65
C ASN A 365 45.17 7.72 11.68
N SER A 366 45.75 7.70 12.87
CA SER A 366 47.15 8.09 13.04
C SER A 366 48.10 6.89 13.00
N GLN A 367 47.56 5.69 13.00
CA GLN A 367 48.36 4.48 12.94
C GLN A 367 48.39 3.93 11.53
N ALA A 368 49.49 4.21 10.83
CA ALA A 368 49.59 3.86 9.41
C ALA A 368 49.33 2.40 9.11
N HIS A 369 49.73 1.51 10.03
CA HIS A 369 49.63 0.09 9.80
C HIS A 369 48.18 -0.38 9.56
N PHE A 370 47.19 0.39 10.03
CA PHE A 370 45.79 0.04 9.78
C PHE A 370 45.36 0.35 8.36
N ASN A 371 45.97 1.37 7.78
CA ASN A 371 45.59 1.88 6.45
C ASN A 371 44.09 2.15 6.37
N VAL A 372 43.62 2.83 7.41
CA VAL A 372 42.21 3.21 7.53
C VAL A 372 42.10 4.71 7.77
N GLN A 373 41.10 5.34 7.14
CA GLN A 373 40.69 6.67 7.53
C GLN A 373 39.19 6.59 7.89
N ALA A 374 38.89 6.78 9.17
CA ALA A 374 37.53 6.63 9.69
C ALA A 374 37.01 7.96 10.24
N GLN A 375 35.74 8.22 10.00
CA GLN A 375 35.13 9.46 10.48
C GLN A 375 33.63 9.29 10.56
N PHE A 376 32.99 10.17 11.31
CA PHE A 376 31.53 10.26 11.23
C PHE A 376 31.17 10.76 9.85
N GLY A 377 30.09 10.21 9.30
CA GLY A 377 29.64 10.65 7.99
C GLY A 377 28.14 10.58 7.91
N THR A 378 27.63 11.04 6.78
CA THR A 378 26.21 10.89 6.46
C THR A 378 26.07 9.84 5.35
N LEU A 379 24.83 9.46 5.11
CA LEU A 379 24.55 8.52 4.05
C LEU A 379 24.96 9.01 2.67
N GLN A 380 24.65 10.26 2.36
CA GLN A 380 25.01 10.80 1.04
C GLN A 380 26.53 10.82 0.89
N GLU A 381 27.24 11.12 1.97
CA GLU A 381 28.71 11.12 1.92
C GLU A 381 29.24 9.73 1.53
N TYR A 382 28.65 8.69 2.12
CA TYR A 382 29.01 7.33 1.78
C TYR A 382 28.80 7.09 0.29
N PHE A 383 27.59 7.36 -0.20
CA PHE A 383 27.30 7.07 -1.60
C PHE A 383 28.17 7.90 -2.54
N ASP A 384 28.39 9.17 -2.19
CA ASP A 384 29.26 10.00 -3.05
C ASP A 384 30.64 9.37 -3.19
N ALA A 385 31.18 8.89 -2.07
CA ALA A 385 32.52 8.29 -2.08
C ALA A 385 32.53 6.97 -2.87
N VAL A 386 31.47 6.18 -2.73
CA VAL A 386 31.36 4.93 -3.50
C VAL A 386 31.41 5.22 -5.00
N HIS A 387 30.62 6.19 -5.44
CA HIS A 387 30.59 6.52 -6.86
C HIS A 387 31.86 7.16 -7.38
N GLN A 388 32.55 7.92 -6.52
CA GLN A 388 33.89 8.40 -6.87
C GLN A 388 34.80 7.22 -7.15
N ALA A 389 34.74 6.19 -6.30
CA ALA A 389 35.53 4.96 -6.51
C ALA A 389 35.15 4.26 -7.80
N GLU A 390 33.85 4.18 -8.07
CA GLU A 390 33.33 3.61 -9.31
C GLU A 390 33.86 4.34 -10.54
N ARG A 391 33.81 5.67 -10.48
CA ARG A 391 34.24 6.51 -11.60
C ARG A 391 35.73 6.37 -11.82
N ALA A 392 36.46 6.09 -10.74
CA ALA A 392 37.92 5.89 -10.81
C ALA A 392 38.27 4.51 -11.36
N GLY A 393 37.25 3.72 -11.70
CA GLY A 393 37.46 2.40 -12.30
C GLY A 393 37.76 1.34 -11.27
N GLN A 394 37.51 1.65 -10.02
CA GLN A 394 37.86 0.69 -8.99
C GLN A 394 36.83 -0.44 -8.80
N ALA A 395 35.61 -0.25 -9.33
CA ALA A 395 34.57 -1.26 -9.20
C ALA A 395 33.53 -1.08 -10.29
N GLU A 396 32.89 -2.19 -10.68
CA GLU A 396 31.69 -2.14 -11.50
C GLU A 396 30.64 -2.92 -10.76
N PHE A 397 29.41 -2.45 -10.86
CA PHE A 397 28.39 -3.04 -10.06
C PHE A 397 27.44 -3.90 -10.88
N PRO A 398 26.95 -4.99 -10.28
CA PRO A 398 25.97 -5.86 -10.95
C PRO A 398 24.61 -5.21 -11.07
N THR A 399 23.86 -5.67 -12.07
CA THR A 399 22.47 -5.26 -12.28
C THR A 399 21.56 -6.33 -11.65
N LEU A 400 20.42 -5.88 -11.16
CA LEU A 400 19.51 -6.78 -10.44
C LEU A 400 18.07 -6.39 -10.74
N SER A 401 17.20 -7.41 -10.93
CA SER A 401 15.76 -7.13 -10.86
C SER A 401 15.09 -8.16 -9.97
N GLY A 402 13.88 -7.84 -9.54
CA GLY A 402 13.09 -8.74 -8.70
C GLY A 402 12.71 -8.01 -7.41
N ASP A 403 12.21 -8.77 -6.44
CA ASP A 403 11.81 -8.22 -5.16
C ASP A 403 12.47 -9.03 -4.06
N PHE A 404 12.20 -8.61 -2.83
CA PHE A 404 12.75 -9.23 -1.64
C PHE A 404 11.68 -9.60 -0.66
N PHE A 405 10.69 -10.32 -1.18
CA PHE A 405 9.67 -10.98 -0.38
C PHE A 405 9.74 -12.48 -0.71
N THR A 406 9.41 -13.37 0.23
CA THR A 406 9.00 -13.04 1.59
C THR A 406 10.21 -13.16 2.53
N TYR A 407 10.37 -12.15 3.36
CA TYR A 407 11.46 -12.07 4.30
C TYR A 407 11.40 -13.13 5.38
N ALA A 408 12.57 -13.68 5.73
CA ALA A 408 12.74 -14.45 6.97
C ALA A 408 14.00 -13.90 7.60
N ASP A 409 13.93 -13.61 8.90
CA ASP A 409 15.10 -13.15 9.62
C ASP A 409 15.93 -14.29 10.20
N ARG A 410 15.29 -15.44 10.41
CA ARG A 410 16.03 -16.63 10.91
C ARG A 410 15.17 -17.85 10.71
N SER A 411 15.86 -18.98 10.61
CA SER A 411 15.24 -20.31 10.52
CA SER A 411 15.19 -20.27 10.57
C SER A 411 14.04 -20.30 9.57
N ASP A 412 12.86 -20.78 10.01
CA ASP A 412 11.67 -20.83 9.14
C ASP A 412 10.70 -19.68 9.51
N ASN A 413 11.21 -18.64 10.17
CA ASN A 413 10.36 -17.55 10.62
C ASN A 413 10.16 -16.55 9.46
N TYR A 414 9.20 -16.87 8.59
CA TYR A 414 8.83 -16.02 7.47
C TYR A 414 7.77 -15.01 7.89
N TRP A 415 7.97 -13.76 7.45
CA TRP A 415 7.14 -12.66 7.91
C TRP A 415 5.97 -12.45 6.96
N SER A 416 5.19 -13.50 6.74
CA SER A 416 4.01 -13.38 5.89
C SER A 416 2.72 -13.12 6.67
N GLY A 417 2.79 -13.13 7.99
CA GLY A 417 1.61 -12.86 8.79
C GLY A 417 1.08 -11.45 8.59
N TYR A 418 1.99 -10.49 8.50
CA TYR A 418 1.60 -9.09 8.45
C TYR A 418 1.01 -8.70 7.10
N TYR A 419 1.03 -9.62 6.15
CA TYR A 419 0.31 -9.38 4.90
C TYR A 419 -1.19 -9.34 5.17
N THR A 420 -1.63 -9.88 6.32
CA THR A 420 -3.05 -9.96 6.64
C THR A 420 -3.42 -9.31 7.98
N SER A 421 -2.50 -9.19 8.93
CA SER A 421 -2.80 -8.71 10.28
C SER A 421 -3.61 -7.42 10.29
N ARG A 422 -4.62 -7.35 11.15
CA ARG A 422 -5.51 -6.17 11.26
C ARG A 422 -6.08 -5.81 9.88
N PRO A 423 -6.83 -6.74 9.28
CA PRO A 423 -7.34 -6.50 7.94
C PRO A 423 -8.39 -5.39 7.87
N TYR A 424 -9.08 -5.07 8.95
CA TYR A 424 -10.03 -3.95 8.90
C TYR A 424 -9.31 -2.70 8.46
N HIS A 425 -8.12 -2.47 9.03
CA HIS A 425 -7.39 -1.22 8.75
C HIS A 425 -6.70 -1.28 7.40
N LYS A 426 -6.32 -2.49 6.99
CA LYS A 426 -5.84 -2.67 5.64
C LYS A 426 -6.88 -2.26 4.61
N ARG A 427 -8.12 -2.66 4.84
CA ARG A 427 -9.20 -2.25 3.95
C ARG A 427 -9.45 -0.73 4.06
N MET A 428 -9.45 -0.20 5.27
CA MET A 428 -9.64 1.21 5.44
C MET A 428 -8.59 2.03 4.71
N ASP A 429 -7.34 1.55 4.70
CA ASP A 429 -6.30 2.21 3.90
C ASP A 429 -6.74 2.44 2.46
N ARG A 430 -7.32 1.42 1.84
CA ARG A 430 -7.70 1.57 0.44
C ARG A 430 -8.86 2.50 0.26
N VAL A 431 -9.78 2.50 1.24
CA VAL A 431 -10.92 3.42 1.15
C VAL A 431 -10.40 4.87 1.26
N LEU A 432 -9.56 5.13 2.24
CA LEU A 432 -9.05 6.48 2.43
C LEU A 432 -8.16 6.86 1.24
N MET A 433 -7.41 5.91 0.68
CA MET A 433 -6.60 6.20 -0.49
C MET A 433 -7.46 6.87 -1.57
N HIS A 434 -8.60 6.26 -1.85
CA HIS A 434 -9.48 6.74 -2.88
C HIS A 434 -10.13 8.06 -2.52
N TYR A 435 -10.56 8.21 -1.27
CA TYR A 435 -11.18 9.45 -0.77
CA TYR A 435 -11.20 9.46 -0.91
C TYR A 435 -10.20 10.63 -0.86
N VAL A 436 -8.92 10.38 -0.53
CA VAL A 436 -7.93 11.46 -0.65
C VAL A 436 -7.82 11.86 -2.11
N ARG A 437 -7.70 10.89 -3.00
CA ARG A 437 -7.60 11.22 -4.42
C ARG A 437 -8.80 12.02 -4.87
N ALA A 438 -10.01 11.54 -4.53
CA ALA A 438 -11.21 12.20 -5.00
C ALA A 438 -11.38 13.61 -4.42
N ALA A 439 -11.02 13.78 -3.15
CA ALA A 439 -11.12 15.11 -2.55
C ALA A 439 -10.10 16.07 -3.15
N GLU A 440 -8.86 15.63 -3.36
CA GLU A 440 -7.89 16.51 -3.99
C GLU A 440 -8.31 16.84 -5.42
N MET A 441 -8.83 15.87 -6.16
CA MET A 441 -9.21 16.10 -7.54
C MET A 441 -10.45 17.03 -7.62
N LEU A 442 -11.50 16.71 -6.86
CA LEU A 442 -12.72 17.53 -6.95
C LEU A 442 -12.44 18.98 -6.58
N SER A 443 -11.59 19.20 -5.59
CA SER A 443 -11.37 20.57 -5.14
C SER A 443 -10.32 21.29 -5.97
N ALA A 444 -9.54 20.54 -6.74
CA ALA A 444 -8.49 21.13 -7.58
C ALA A 444 -9.05 22.03 -8.69
N TRP A 445 -10.29 21.80 -9.11
CA TRP A 445 -10.85 22.51 -10.27
C TRP A 445 -10.98 24.01 -10.03
N HIS A 446 -11.09 24.40 -8.77
CA HIS A 446 -11.20 25.82 -8.39
C HIS A 446 -10.12 26.23 -7.39
N SER A 447 -9.84 27.54 -7.33
CA SER A 447 -9.16 28.13 -6.18
C SER A 447 -10.21 28.40 -5.13
N TRP A 448 -9.88 28.16 -3.88
CA TRP A 448 -10.82 28.37 -2.80
C TRP A 448 -10.32 29.45 -1.85
N ASP A 449 -11.25 30.29 -1.41
CA ASP A 449 -10.99 31.24 -0.37
C ASP A 449 -10.45 30.51 0.86
N GLY A 450 -9.53 31.14 1.59
CA GLY A 450 -9.01 30.57 2.84
C GLY A 450 -10.09 30.18 3.82
N MET A 451 -11.21 30.90 3.81
CA MET A 451 -12.26 30.60 4.76
C MET A 451 -12.89 29.23 4.55
N ALA A 452 -12.69 28.65 3.36
CA ALA A 452 -13.28 27.34 3.07
C ALA A 452 -12.49 26.21 3.73
N ARG A 453 -11.27 26.52 4.16
CA ARG A 453 -10.41 25.58 4.89
C ARG A 453 -10.12 24.32 4.09
N ILE A 454 -10.11 24.44 2.77
CA ILE A 454 -9.87 23.28 1.91
C ILE A 454 -8.46 22.75 2.11
N GLU A 455 -7.46 23.64 2.05
CA GLU A 455 -6.07 23.21 2.21
C GLU A 455 -5.85 22.56 3.57
N GLU A 456 -6.44 23.11 4.63
CA GLU A 456 -6.28 22.57 5.97
C GLU A 456 -6.83 21.14 6.01
N ARG A 457 -8.04 20.94 5.50
CA ARG A 457 -8.65 19.62 5.57
C ARG A 457 -7.89 18.62 4.70
N LEU A 458 -7.44 19.03 3.51
CA LEU A 458 -6.68 18.11 2.65
C LEU A 458 -5.33 17.77 3.25
N GLU A 459 -4.66 18.74 3.86
CA GLU A 459 -3.38 18.45 4.54
C GLU A 459 -3.57 17.43 5.65
N GLN A 460 -4.61 17.60 6.47
CA GLN A 460 -4.86 16.61 7.52
C GLN A 460 -5.10 15.23 6.91
N ALA A 461 -5.94 15.15 5.87
CA ALA A 461 -6.25 13.86 5.29
C ALA A 461 -4.99 13.23 4.69
N ARG A 462 -4.19 13.99 3.97
CA ARG A 462 -2.96 13.41 3.40
C ARG A 462 -2.04 12.94 4.50
N ARG A 463 -1.96 13.71 5.59
CA ARG A 463 -1.02 13.36 6.65
C ARG A 463 -1.43 12.13 7.45
N GLU A 464 -2.73 11.96 7.68
CA GLU A 464 -3.14 10.78 8.42
C GLU A 464 -3.00 9.53 7.57
N LEU A 465 -3.31 9.64 6.29
CA LEU A 465 -3.12 8.49 5.40
C LEU A 465 -1.61 8.17 5.25
N SER A 466 -0.82 9.23 5.13
CA SER A 466 0.62 9.06 5.01
C SER A 466 1.18 8.38 6.25
N LEU A 467 0.74 8.81 7.43
CA LEU A 467 1.20 8.22 8.67
C LEU A 467 0.93 6.72 8.67
N PHE A 468 -0.25 6.34 8.19
CA PHE A 468 -0.62 4.93 8.22
C PHE A 468 0.25 4.06 7.32
N GLN A 469 0.97 4.67 6.38
CA GLN A 469 1.84 3.85 5.53
C GLN A 469 3.04 3.34 6.29
N HIS A 470 3.27 3.86 7.50
CA HIS A 470 4.36 3.36 8.35
C HIS A 470 4.36 1.84 8.43
N HIS A 471 5.55 1.28 8.62
CA HIS A 471 5.73 -0.16 8.67
C HIS A 471 5.22 -0.82 9.97
N ASP A 472 4.57 -0.04 10.86
CA ASP A 472 3.71 -0.64 11.90
C ASP A 472 2.28 -0.17 11.81
N GLY A 473 1.93 0.54 10.73
CA GLY A 473 0.56 1.03 10.57
C GLY A 473 -0.21 0.01 9.74
N ILE A 474 -0.15 0.18 8.42
CA ILE A 474 -0.89 -0.71 7.52
C ILE A 474 -0.51 -2.19 7.73
N THR A 475 0.69 -2.45 8.23
CA THR A 475 1.13 -3.81 8.47
C THR A 475 0.36 -4.54 9.57
N GLY A 476 -0.36 -3.81 10.43
CA GLY A 476 -1.07 -4.47 11.53
C GLY A 476 -0.13 -5.02 12.59
N THR A 477 1.03 -4.37 12.77
CA THR A 477 1.99 -4.83 13.77
C THR A 477 2.15 -3.90 14.96
N ALA A 478 1.16 -3.04 15.20
CA ALA A 478 1.23 -2.14 16.36
C ALA A 478 0.42 -2.66 17.55
N LYS A 479 0.66 -2.07 18.72
CA LYS A 479 -0.15 -2.47 19.87
C LYS A 479 -1.60 -2.06 19.66
N THR A 480 -2.50 -2.75 20.35
CA THR A 480 -3.94 -2.48 20.21
C THR A 480 -4.28 -0.99 20.30
N HIS A 481 -3.75 -0.29 21.31
CA HIS A 481 -4.17 1.11 21.49
C HIS A 481 -3.61 1.99 20.40
N VAL A 482 -2.52 1.54 19.76
CA VAL A 482 -1.93 2.31 18.67
C VAL A 482 -2.73 2.09 17.39
N VAL A 483 -3.22 0.86 17.17
CA VAL A 483 -4.13 0.61 16.06
C VAL A 483 -5.35 1.51 16.20
N VAL A 484 -5.87 1.66 17.43
CA VAL A 484 -7.03 2.55 17.63
C VAL A 484 -6.68 4.00 17.26
N ASP A 485 -5.50 4.46 17.63
CA ASP A 485 -5.09 5.82 17.25
C ASP A 485 -5.03 5.96 15.73
N TYR A 486 -4.46 4.98 15.02
CA TYR A 486 -4.44 5.07 13.57
C TYR A 486 -5.86 5.10 13.02
N GLU A 487 -6.74 4.26 13.53
CA GLU A 487 -8.12 4.23 13.05
C GLU A 487 -8.82 5.54 13.27
N GLN A 488 -8.66 6.11 14.46
CA GLN A 488 -9.29 7.42 14.74
C GLN A 488 -8.78 8.50 13.81
N ARG A 489 -7.46 8.49 13.57
CA ARG A 489 -6.88 9.45 12.66
C ARG A 489 -7.45 9.27 11.25
N MET A 490 -7.54 8.03 10.79
CA MET A 490 -8.09 7.79 9.46
C MET A 490 -9.58 8.17 9.38
N GLN A 491 -10.33 7.98 10.47
CA GLN A 491 -11.73 8.38 10.45
CA GLN A 491 -11.73 8.38 10.50
C GLN A 491 -11.84 9.90 10.31
N GLU A 492 -10.98 10.65 11.01
CA GLU A 492 -11.00 12.08 10.86
C GLU A 492 -10.60 12.47 9.45
N ALA A 493 -9.66 11.74 8.87
CA ALA A 493 -9.27 12.00 7.51
C ALA A 493 -10.43 11.77 6.53
N LEU A 494 -11.17 10.69 6.75
CA LEU A 494 -12.35 10.47 5.89
C LEU A 494 -13.37 11.59 6.00
N LYS A 495 -13.62 12.06 7.21
CA LYS A 495 -14.52 13.20 7.42
C LYS A 495 -14.02 14.45 6.70
N ALA A 496 -12.71 14.68 6.75
CA ALA A 496 -12.13 15.83 6.05
C ALA A 496 -12.34 15.67 4.55
N CYS A 497 -12.12 14.46 4.03
CA CYS A 497 -12.32 14.26 2.60
C CYS A 497 -13.78 14.49 2.22
N GLN A 498 -14.72 13.97 3.01
CA GLN A 498 -16.14 14.14 2.69
C GLN A 498 -16.47 15.62 2.66
N MET A 499 -15.95 16.39 3.62
CA MET A 499 -16.24 17.81 3.69
C MET A 499 -15.79 18.53 2.43
N VAL A 500 -14.54 18.27 2.03
CA VAL A 500 -14.00 18.89 0.84
C VAL A 500 -14.74 18.45 -0.42
N MET A 501 -15.01 17.16 -0.52
CA MET A 501 -15.70 16.63 -1.70
C MET A 501 -17.09 17.24 -1.82
N GLN A 502 -17.84 17.32 -0.73
CA GLN A 502 -19.25 17.78 -0.85
C GLN A 502 -19.31 19.28 -1.14
N GLN A 503 -18.40 20.04 -0.55
CA GLN A 503 -18.36 21.47 -0.93
C GLN A 503 -18.00 21.63 -2.40
N SER A 504 -17.09 20.78 -2.88
CA SER A 504 -16.66 20.86 -4.28
C SER A 504 -17.80 20.51 -5.24
N VAL A 505 -18.55 19.47 -4.91
CA VAL A 505 -19.69 19.07 -5.75
C VAL A 505 -20.72 20.21 -5.82
N TYR A 506 -21.01 20.81 -4.67
CA TYR A 506 -21.96 21.92 -4.66
C TYR A 506 -21.50 23.07 -5.57
N ARG A 507 -20.21 23.36 -5.57
CA ARG A 507 -19.70 24.43 -6.41
C ARG A 507 -19.68 24.05 -7.89
N LEU A 508 -19.31 22.81 -8.19
CA LEU A 508 -19.18 22.39 -9.57
C LEU A 508 -20.52 22.26 -10.29
N LEU A 509 -21.59 22.04 -9.52
CA LEU A 509 -22.91 21.72 -10.13
C LEU A 509 -23.98 22.73 -9.77
N THR A 510 -23.58 23.94 -9.36
CA THR A 510 -24.58 24.99 -9.09
C THR A 510 -24.31 26.15 -10.01
N LYS A 511 -25.36 26.70 -10.62
CA LYS A 511 -25.22 27.85 -11.51
C LYS A 511 -24.41 28.92 -10.81
N PRO A 512 -23.32 29.41 -11.44
CA PRO A 512 -22.43 30.32 -10.71
C PRO A 512 -23.07 31.55 -10.08
N SER A 513 -24.07 32.14 -10.74
CA SER A 513 -24.71 33.33 -10.19
C SER A 513 -25.71 33.01 -9.08
N ILE A 514 -25.90 31.72 -8.78
CA ILE A 514 -26.79 31.28 -7.71
C ILE A 514 -25.99 30.69 -6.55
N TYR A 515 -24.81 30.17 -6.87
CA TYR A 515 -23.94 29.53 -5.85
C TYR A 515 -23.73 30.41 -4.63
N SER A 516 -24.11 29.94 -3.45
CA SER A 516 -24.04 30.75 -2.23
C SER A 516 -23.59 29.88 -1.07
N PRO A 517 -22.29 29.57 -1.03
CA PRO A 517 -21.80 28.63 -0.04
C PRO A 517 -21.69 29.21 1.35
N ASP A 518 -22.02 28.38 2.33
CA ASP A 518 -21.46 28.48 3.64
C ASP A 518 -20.52 27.32 3.84
N PHE A 519 -19.27 27.65 4.11
CA PHE A 519 -18.23 26.65 4.06
C PHE A 519 -18.27 25.65 5.20
N SER A 520 -19.18 25.87 6.14
CA SER A 520 -19.36 24.93 7.23
C SER A 520 -20.58 24.03 7.01
N PHE A 521 -21.37 24.33 5.99
CA PHE A 521 -22.57 23.56 5.69
CA PHE A 521 -22.57 23.56 5.68
C PHE A 521 -22.38 22.23 4.97
N SER A 522 -23.26 21.28 5.25
CA SER A 522 -23.24 19.99 4.57
CA SER A 522 -23.25 19.99 4.59
C SER A 522 -24.31 19.97 3.49
N TYR A 523 -23.89 20.21 2.26
CA TYR A 523 -24.79 20.17 1.10
C TYR A 523 -25.10 18.78 0.63
N PHE A 524 -24.11 17.89 0.74
CA PHE A 524 -24.29 16.49 0.39
C PHE A 524 -23.69 15.65 1.48
N THR A 525 -24.16 14.42 1.59
CA THR A 525 -23.40 13.42 2.36
C THR A 525 -23.02 12.30 1.43
N LEU A 526 -21.87 11.69 1.68
CA LEU A 526 -21.42 10.55 0.91
C LEU A 526 -22.20 9.32 1.31
N ASP A 527 -22.48 8.47 0.32
CA ASP A 527 -23.08 7.18 0.58
C ASP A 527 -22.08 6.17 0.06
N ASP A 528 -21.64 5.27 0.91
CA ASP A 528 -20.65 4.29 0.49
C ASP A 528 -21.19 2.92 0.84
N SER A 529 -21.40 2.09 -0.18
CA SER A 529 -22.00 0.78 0.01
C SER A 529 -21.06 -0.26 0.57
N ARG A 530 -19.76 0.02 0.52
CA ARG A 530 -18.81 -1.03 0.83
C ARG A 530 -17.87 -0.66 1.94
N TRP A 531 -18.06 0.48 2.58
CA TRP A 531 -17.25 0.84 3.76
C TRP A 531 -18.07 1.67 4.72
N PRO A 532 -18.12 1.29 6.00
CA PRO A 532 -17.51 0.08 6.55
C PRO A 532 -18.16 -1.21 6.07
N GLY A 533 -19.35 -1.11 5.47
CA GLY A 533 -19.99 -2.28 4.88
C GLY A 533 -21.07 -2.85 5.76
N SER A 534 -22.03 -3.49 5.10
CA SER A 534 -23.21 -4.04 5.76
C SER A 534 -22.70 -5.07 6.75
N GLY A 535 -23.26 -5.05 7.95
CA GLY A 535 -22.84 -5.94 9.03
C GLY A 535 -21.59 -5.48 9.75
N VAL A 536 -21.01 -4.37 9.28
CA VAL A 536 -19.87 -3.75 9.96
C VAL A 536 -20.36 -2.52 10.71
N GLU A 537 -21.12 -1.68 10.03
CA GLU A 537 -21.71 -0.47 10.62
C GLU A 537 -22.94 -0.07 9.83
N ASP A 538 -24.05 0.20 10.54
CA ASP A 538 -25.22 0.81 9.89
C ASP A 538 -24.96 2.31 9.83
N SER A 539 -24.24 2.72 8.79
CA SER A 539 -23.80 4.12 8.65
C SER A 539 -24.54 4.78 7.49
N ARG A 540 -25.14 3.95 6.63
CA ARG A 540 -25.80 4.42 5.42
C ARG A 540 -27.11 5.10 5.69
N THR A 541 -27.25 6.31 5.16
CA THR A 541 -28.46 7.07 5.30
C THR A 541 -29.51 6.52 4.34
N THR A 542 -30.74 6.51 4.82
CA THR A 542 -31.84 6.19 3.94
C THR A 542 -32.39 7.48 3.37
N ILE A 543 -32.59 7.49 2.05
CA ILE A 543 -33.30 8.60 1.41
C ILE A 543 -34.80 8.47 1.72
N ILE A 544 -35.33 9.46 2.41
CA ILE A 544 -36.69 9.39 2.88
C ILE A 544 -37.58 10.20 1.97
N LEU A 545 -38.46 9.48 1.27
CA LEU A 545 -39.39 10.09 0.33
C LEU A 545 -40.78 9.73 0.76
N GLY A 546 -41.75 10.54 0.37
CA GLY A 546 -43.14 10.20 0.65
C GLY A 546 -43.98 11.32 0.10
N GLU A 547 -45.22 10.97 -0.23
CA GLU A 547 -46.12 11.94 -0.83
C GLU A 547 -46.41 13.15 0.09
N ASP A 548 -46.34 12.91 1.40
CA ASP A 548 -46.63 13.96 2.39
C ASP A 548 -45.38 14.62 2.96
N ILE A 549 -44.20 14.36 2.40
CA ILE A 549 -42.97 14.94 2.95
C ILE A 549 -41.99 15.42 1.90
N LEU A 550 -41.71 14.60 0.89
CA LEU A 550 -40.67 14.94 -0.06
C LEU A 550 -40.77 13.98 -1.21
N PRO A 551 -41.15 14.47 -2.39
CA PRO A 551 -41.35 13.59 -3.52
C PRO A 551 -40.09 13.07 -4.18
N SER A 552 -38.99 13.82 -4.08
CA SER A 552 -37.84 13.41 -4.85
C SER A 552 -36.53 13.88 -4.23
N LYS A 553 -35.44 13.28 -4.71
CA LYS A 553 -34.10 13.57 -4.19
C LYS A 553 -33.07 13.54 -5.29
N HIS A 554 -32.23 14.57 -5.32
CA HIS A 554 -31.05 14.55 -6.18
C HIS A 554 -29.89 13.76 -5.56
N VAL A 555 -29.26 12.95 -6.41
CA VAL A 555 -28.02 12.27 -6.07
C VAL A 555 -27.00 12.59 -7.15
N VAL A 556 -25.71 12.56 -6.80
CA VAL A 556 -24.66 12.92 -7.73
C VAL A 556 -23.57 11.87 -7.61
N MET A 557 -23.08 11.40 -8.76
CA MET A 557 -21.93 10.48 -8.80
C MET A 557 -20.72 11.21 -9.33
N HIS A 558 -19.56 10.93 -8.74
CA HIS A 558 -18.27 11.42 -9.22
C HIS A 558 -17.47 10.25 -9.77
N ASN A 559 -16.78 10.49 -10.89
CA ASN A 559 -15.90 9.51 -11.47
C ASN A 559 -14.47 10.04 -11.53
N THR A 560 -13.60 9.58 -10.62
CA THR A 560 -12.25 10.12 -10.57
C THR A 560 -11.37 9.67 -11.74
N LEU A 561 -11.80 8.62 -12.46
CA LEU A 561 -10.97 8.10 -13.57
C LEU A 561 -11.15 8.94 -14.84
N PRO A 562 -10.09 9.07 -15.65
CA PRO A 562 -10.13 9.93 -16.86
C PRO A 562 -10.73 9.27 -18.10
N HIS A 563 -11.81 8.51 -17.92
CA HIS A 563 -12.59 8.00 -19.07
C HIS A 563 -14.04 7.94 -18.67
N TRP A 564 -14.93 8.03 -19.63
CA TRP A 564 -16.36 7.83 -19.35
C TRP A 564 -16.54 6.50 -18.66
N ARG A 565 -17.41 6.46 -17.66
CA ARG A 565 -17.59 5.20 -16.96
C ARG A 565 -19.03 4.99 -16.61
N GLU A 566 -19.48 3.75 -16.77
CA GLU A 566 -20.75 3.31 -16.22
C GLU A 566 -20.52 2.35 -15.07
N GLN A 567 -21.31 2.46 -14.03
CA GLN A 567 -21.22 1.51 -12.91
C GLN A 567 -22.59 1.48 -12.27
N LEU A 568 -23.05 0.31 -11.84
CA LEU A 568 -24.27 0.30 -11.03
C LEU A 568 -24.00 0.94 -9.70
N VAL A 569 -24.94 1.75 -9.25
CA VAL A 569 -24.86 2.38 -7.93
C VAL A 569 -26.15 2.05 -7.22
N ASP A 570 -26.06 1.98 -5.89
CA ASP A 570 -27.27 1.70 -5.10
C ASP A 570 -27.44 2.71 -3.98
N PHE A 571 -28.70 2.96 -3.64
CA PHE A 571 -29.05 3.82 -2.52
C PHE A 571 -30.12 3.15 -1.71
N TYR A 572 -30.17 3.48 -0.43
CA TYR A 572 -31.28 3.04 0.40
C TYR A 572 -32.38 4.08 0.30
N VAL A 573 -33.62 3.61 0.13
CA VAL A 573 -34.78 4.48 -0.01
C VAL A 573 -35.90 3.96 0.87
N SER A 574 -36.79 4.87 1.27
CA SER A 574 -37.84 4.49 2.23
C SER A 574 -39.09 3.89 1.59
N SER A 575 -39.09 3.72 0.27
CA SER A 575 -40.20 3.11 -0.45
C SER A 575 -39.65 2.24 -1.58
N PRO A 576 -40.35 1.15 -1.90
CA PRO A 576 -39.92 0.39 -3.07
C PRO A 576 -40.36 1.04 -4.38
N PHE A 577 -41.25 2.02 -4.29
CA PHE A 577 -41.84 2.57 -5.51
C PHE A 577 -41.13 3.84 -5.89
N VAL A 578 -39.90 3.65 -6.40
CA VAL A 578 -39.04 4.77 -6.72
C VAL A 578 -38.58 4.62 -8.14
N SER A 579 -38.54 5.73 -8.87
CA SER A 579 -38.01 5.71 -10.22
C SER A 579 -36.87 6.69 -10.36
N VAL A 580 -36.04 6.45 -11.35
CA VAL A 580 -34.83 7.24 -11.54
C VAL A 580 -34.90 7.95 -12.87
N THR A 581 -34.48 9.21 -12.85
CA THR A 581 -34.33 9.99 -14.07
C THR A 581 -32.95 10.63 -14.06
N ASP A 582 -32.47 10.97 -15.25
CA ASP A 582 -31.24 11.75 -15.37
C ASP A 582 -31.61 13.23 -15.37
N LEU A 583 -30.66 14.14 -15.54
CA LEU A 583 -31.14 15.52 -15.40
C LEU A 583 -31.55 16.09 -16.74
N ALA A 584 -31.86 15.24 -17.72
CA ALA A 584 -32.74 15.66 -18.83
C ALA A 584 -34.13 15.04 -18.67
N ASN A 585 -34.38 14.47 -17.48
CA ASN A 585 -35.64 13.84 -17.17
C ASN A 585 -35.89 12.58 -18.00
N ASN A 586 -34.81 12.01 -18.53
CA ASN A 586 -34.88 10.72 -19.23
C ASN A 586 -35.01 9.64 -18.17
N PRO A 587 -35.96 8.72 -18.33
CA PRO A 587 -36.04 7.59 -17.42
C PRO A 587 -34.78 6.73 -17.47
N VAL A 588 -34.42 6.18 -16.32
CA VAL A 588 -33.27 5.33 -16.22
C VAL A 588 -33.75 4.02 -15.61
N GLU A 589 -33.40 2.91 -16.24
CA GLU A 589 -33.83 1.62 -15.74
C GLU A 589 -33.26 1.39 -14.35
N ALA A 590 -34.08 0.88 -13.47
CA ALA A 590 -33.67 0.65 -12.10
C ALA A 590 -34.19 -0.68 -11.62
N GLN A 591 -33.57 -1.20 -10.57
CA GLN A 591 -34.01 -2.41 -9.90
C GLN A 591 -34.09 -2.11 -8.42
N VAL A 592 -35.16 -2.58 -7.78
CA VAL A 592 -35.26 -2.50 -6.35
C VAL A 592 -35.12 -3.90 -5.75
N SER A 593 -34.33 -3.99 -4.68
CA SER A 593 -34.08 -5.22 -3.96
C SER A 593 -34.35 -4.91 -2.49
N PRO A 594 -34.58 -5.95 -1.69
CA PRO A 594 -34.71 -5.70 -0.24
C PRO A 594 -33.37 -5.31 0.40
N VAL A 595 -33.42 -4.78 1.62
CA VAL A 595 -32.21 -4.60 2.43
C VAL A 595 -32.11 -5.80 3.34
N TRP A 596 -31.12 -6.65 3.07
CA TRP A 596 -30.89 -7.87 3.84
C TRP A 596 -29.76 -7.69 4.82
N SER A 597 -29.96 -8.06 6.08
CA SER A 597 -28.85 -8.11 6.99
C SER A 597 -28.78 -9.47 7.64
N TRP A 598 -27.56 -9.87 7.93
CA TRP A 598 -27.32 -11.19 8.47
C TRP A 598 -27.10 -11.11 9.94
N HIS A 599 -27.57 -12.14 10.63
CA HIS A 599 -27.59 -12.14 12.07
C HIS A 599 -27.24 -13.50 12.59
N HIS A 600 -26.43 -13.57 13.64
N HIS A 600 -26.44 -13.49 13.65
CA HIS A 600 -26.24 -14.85 14.29
CA HIS A 600 -26.25 -14.63 14.53
C HIS A 600 -27.30 -15.02 15.36
C HIS A 600 -27.54 -14.78 15.30
N ASP A 601 -28.29 -15.84 15.02
CA ASP A 601 -29.46 -16.09 15.84
C ASP A 601 -29.06 -17.02 16.98
N THR A 602 -28.78 -16.47 18.16
CA THR A 602 -28.41 -17.29 19.33
C THR A 602 -29.59 -18.06 19.91
N LEU A 603 -30.77 -17.86 19.33
CA LEU A 603 -31.94 -18.67 19.66
C LEU A 603 -31.90 -19.95 18.85
N THR A 604 -31.92 -19.82 17.53
CA THR A 604 -31.94 -20.97 16.63
C THR A 604 -30.55 -21.54 16.33
N LYS A 605 -29.50 -20.84 16.72
CA LYS A 605 -28.11 -21.25 16.43
C LYS A 605 -27.88 -21.33 14.93
N THR A 606 -28.42 -20.36 14.21
CA THR A 606 -28.18 -20.28 12.77
C THR A 606 -27.75 -18.87 12.43
N ILE A 607 -27.09 -18.73 11.28
CA ILE A 607 -26.73 -17.43 10.73
C ILE A 607 -27.66 -17.22 9.56
N HIS A 608 -28.54 -16.24 9.65
CA HIS A 608 -29.57 -16.11 8.63
C HIS A 608 -29.93 -14.66 8.38
N PRO A 609 -30.53 -14.37 7.23
CA PRO A 609 -30.81 -13.01 6.85
C PRO A 609 -32.18 -12.52 7.27
N GLN A 610 -32.21 -11.25 7.68
CA GLN A 610 -33.47 -10.57 7.98
C GLN A 610 -33.66 -9.48 6.94
N GLY A 611 -34.88 -9.32 6.46
CA GLY A 611 -35.22 -8.28 5.49
C GLY A 611 -35.85 -7.09 6.18
N SER A 612 -35.42 -5.89 5.79
CA SER A 612 -36.02 -4.68 6.32
C SER A 612 -37.45 -4.56 5.82
N THR A 613 -38.31 -4.05 6.70
CA THR A 613 -39.67 -3.75 6.31
C THR A 613 -39.84 -2.25 6.13
N THR A 614 -38.76 -1.49 6.38
CA THR A 614 -38.80 -0.02 6.41
C THR A 614 -37.88 0.69 5.41
N LYS A 615 -37.02 -0.05 4.70
CA LYS A 615 -36.13 0.53 3.69
C LYS A 615 -35.78 -0.49 2.61
N TYR A 616 -35.37 0.00 1.45
CA TYR A 616 -35.17 -0.86 0.26
C TYR A 616 -33.98 -0.34 -0.50
N ARG A 617 -33.40 -1.15 -1.37
CA ARG A 617 -32.24 -0.72 -2.17
C ARG A 617 -32.70 -0.45 -3.56
N ILE A 618 -32.39 0.72 -4.09
CA ILE A 618 -32.58 0.95 -5.50
C ILE A 618 -31.23 0.98 -6.20
N ILE A 619 -31.18 0.34 -7.36
CA ILE A 619 -29.93 0.15 -8.08
C ILE A 619 -30.15 0.64 -9.51
N PHE A 620 -29.19 1.38 -10.06
CA PHE A 620 -29.29 1.78 -11.45
C PHE A 620 -27.91 2.04 -11.99
N LYS A 621 -27.80 2.10 -13.31
CA LYS A 621 -26.52 2.33 -13.94
C LYS A 621 -26.27 3.83 -14.04
N ALA A 622 -25.22 4.31 -13.38
CA ALA A 622 -24.84 5.71 -13.55
C ALA A 622 -23.78 5.82 -14.63
N ARG A 623 -23.89 6.85 -15.46
CA ARG A 623 -22.90 7.12 -16.52
C ARG A 623 -22.29 8.47 -16.25
N VAL A 624 -20.96 8.51 -16.08
CA VAL A 624 -20.32 9.71 -15.57
C VAL A 624 -19.14 10.13 -16.43
N PRO A 625 -19.01 11.44 -16.70
CA PRO A 625 -17.89 11.90 -17.54
C PRO A 625 -16.53 11.57 -16.94
N PRO A 626 -15.48 11.65 -17.77
CA PRO A 626 -14.10 11.49 -17.27
C PRO A 626 -13.84 12.55 -16.20
N MET A 627 -13.34 12.13 -15.04
CA MET A 627 -13.00 13.11 -13.96
C MET A 627 -14.16 14.08 -13.73
N GLY A 628 -15.39 13.53 -13.74
CA GLY A 628 -16.58 14.39 -13.78
C GLY A 628 -17.69 13.96 -12.86
N LEU A 629 -18.83 14.61 -13.05
CA LEU A 629 -19.96 14.43 -12.15
C LEU A 629 -21.23 14.26 -12.97
N ALA A 630 -22.17 13.47 -12.46
CA ALA A 630 -23.48 13.34 -13.09
C ALA A 630 -24.57 13.28 -12.06
N THR A 631 -25.67 13.98 -12.34
CA THR A 631 -26.78 14.14 -11.38
C THR A 631 -27.94 13.30 -11.83
N TYR A 632 -28.54 12.62 -10.85
CA TYR A 632 -29.77 11.88 -11.09
C TYR A 632 -30.80 12.24 -10.06
N VAL A 633 -32.06 11.88 -10.35
CA VAL A 633 -33.15 12.17 -9.43
C VAL A 633 -33.94 10.88 -9.13
N LEU A 634 -34.23 10.68 -7.85
CA LEU A 634 -35.04 9.55 -7.37
C LEU A 634 -36.36 10.14 -6.97
N THR A 635 -37.46 9.59 -7.54
CA THR A 635 -38.79 10.13 -7.32
C THR A 635 -39.73 9.01 -6.86
N ILE A 636 -40.53 9.29 -5.84
CA ILE A 636 -41.47 8.30 -5.35
C ILE A 636 -42.73 8.30 -6.19
N SER A 637 -43.38 7.14 -6.28
CA SER A 637 -44.73 7.08 -6.84
C SER A 637 -45.59 6.20 -5.96
N ASP A 638 -46.90 6.16 -6.25
CA ASP A 638 -47.79 5.36 -5.38
C ASP A 638 -47.85 3.87 -5.75
N SER A 639 -47.32 3.52 -6.92
CA SER A 639 -47.36 2.14 -7.39
C SER A 639 -46.07 1.83 -8.16
N LYS A 640 -45.94 0.58 -8.63
CA LYS A 640 -44.74 0.19 -9.38
C LYS A 640 -44.54 1.14 -10.55
N PRO A 641 -43.37 1.80 -10.59
CA PRO A 641 -42.97 2.64 -11.73
C PRO A 641 -42.69 1.85 -13.00
N GLU A 642 -42.89 2.47 -14.16
CA GLU A 642 -42.68 1.78 -15.43
C GLU A 642 -41.27 1.22 -15.63
N HIS A 643 -40.26 1.94 -15.13
CA HIS A 643 -38.88 1.62 -15.46
C HIS A 643 -38.09 1.07 -14.29
N THR A 644 -38.80 0.65 -13.25
CA THR A 644 -38.21 -0.01 -12.11
C THR A 644 -38.73 -1.44 -12.00
N SER A 645 -37.82 -2.40 -11.93
CA SER A 645 -38.16 -3.82 -11.72
C SER A 645 -37.83 -4.22 -10.30
N TYR A 646 -38.34 -5.38 -9.88
CA TYR A 646 -38.14 -5.88 -8.52
C TYR A 646 -37.49 -7.22 -8.53
N ALA A 647 -36.46 -7.39 -7.70
CA ALA A 647 -35.80 -8.67 -7.64
C ALA A 647 -36.67 -9.74 -6.99
N SER A 648 -36.48 -10.98 -7.41
CA SER A 648 -37.04 -12.09 -6.67
C SER A 648 -36.03 -12.54 -5.63
N ASN A 649 -36.50 -13.22 -4.59
CA ASN A 649 -35.66 -13.66 -3.49
C ASN A 649 -36.06 -15.06 -3.11
N LEU A 650 -35.05 -15.90 -2.93
CA LEU A 650 -35.22 -17.30 -2.58
C LEU A 650 -34.28 -17.60 -1.40
N LEU A 651 -34.85 -18.06 -0.30
CA LEU A 651 -34.13 -18.46 0.87
C LEU A 651 -34.08 -19.97 0.92
N LEU A 652 -32.88 -20.51 0.84
CA LEU A 652 -32.68 -21.94 0.82
C LEU A 652 -32.17 -22.40 2.17
N ARG A 653 -33.01 -23.15 2.87
CA ARG A 653 -32.67 -23.69 4.17
C ARG A 653 -33.74 -24.67 4.57
N LYS A 654 -33.35 -25.63 5.39
CA LYS A 654 -34.33 -26.49 5.99
C LYS A 654 -35.03 -25.69 7.09
N ASN A 655 -36.28 -26.06 7.31
CA ASN A 655 -37.12 -25.43 8.32
C ASN A 655 -37.19 -23.90 8.23
N PRO A 656 -37.68 -23.41 7.09
CA PRO A 656 -37.73 -21.97 6.92
C PRO A 656 -38.86 -21.39 7.73
N THR A 657 -38.71 -20.10 8.00
CA THR A 657 -39.80 -19.31 8.55
C THR A 657 -40.00 -18.13 7.61
N SER A 658 -41.15 -17.48 7.72
CA SER A 658 -41.53 -16.41 6.83
C SER A 658 -40.55 -15.23 6.88
N LEU A 659 -40.55 -14.46 5.80
CA LEU A 659 -39.70 -13.27 5.65
C LEU A 659 -40.51 -12.15 4.98
N PRO A 660 -41.29 -11.41 5.78
CA PRO A 660 -42.12 -10.30 5.28
C PRO A 660 -41.23 -9.12 4.90
N LEU A 661 -41.64 -8.34 3.92
CA LEU A 661 -40.73 -7.28 3.45
C LEU A 661 -41.40 -5.91 3.39
N GLY A 662 -42.19 -5.56 4.40
CA GLY A 662 -42.90 -4.28 4.41
C GLY A 662 -43.68 -4.14 3.12
N GLN A 663 -43.47 -3.05 2.37
CA GLN A 663 -44.16 -2.83 1.08
C GLN A 663 -43.58 -3.54 -0.17
N TYR A 664 -42.46 -4.22 -0.04
CA TYR A 664 -41.83 -4.86 -1.20
C TYR A 664 -42.80 -5.75 -1.98
N PRO A 665 -42.98 -5.53 -3.29
CA PRO A 665 -44.08 -6.20 -4.05
C PRO A 665 -43.98 -7.70 -4.36
N GLU A 666 -42.82 -8.31 -4.13
CA GLU A 666 -42.58 -9.69 -4.54
C GLU A 666 -42.40 -10.50 -3.28
N ASP A 667 -43.19 -11.58 -3.14
CA ASP A 667 -43.04 -12.43 -1.96
C ASP A 667 -41.75 -13.28 -1.97
N VAL A 668 -41.06 -13.37 -0.84
CA VAL A 668 -39.89 -14.26 -0.73
C VAL A 668 -40.33 -15.70 -0.91
N LYS A 669 -39.52 -16.47 -1.63
CA LYS A 669 -39.73 -17.91 -1.82
C LYS A 669 -38.76 -18.71 -0.98
N PHE A 670 -39.11 -19.95 -0.67
CA PHE A 670 -38.32 -20.83 0.19
C PHE A 670 -38.09 -22.17 -0.47
N GLY A 671 -37.02 -22.84 -0.07
CA GLY A 671 -36.72 -24.15 -0.62
C GLY A 671 -35.68 -24.83 0.23
N ASP A 672 -35.55 -26.15 0.10
CA ASP A 672 -34.43 -26.83 0.70
C ASP A 672 -33.15 -26.47 -0.07
N PRO A 673 -32.00 -26.54 0.60
CA PRO A 673 -30.75 -26.28 -0.12
C PRO A 673 -30.62 -27.10 -1.39
N ARG A 674 -30.13 -26.46 -2.45
CA ARG A 674 -29.96 -27.10 -3.75
C ARG A 674 -28.96 -26.32 -4.58
N GLU A 675 -28.38 -26.98 -5.58
CA GLU A 675 -27.52 -26.28 -6.53
C GLU A 675 -28.34 -25.30 -7.32
N ILE A 676 -27.76 -24.15 -7.64
CA ILE A 676 -28.46 -23.19 -8.46
C ILE A 676 -27.53 -22.53 -9.46
N SER A 677 -28.11 -21.95 -10.50
CA SER A 677 -27.36 -21.30 -11.55
C SER A 677 -28.00 -19.95 -11.80
N LEU A 678 -27.18 -18.94 -12.07
CA LEU A 678 -27.66 -17.58 -12.35
C LEU A 678 -26.90 -16.98 -13.51
N ARG A 679 -27.57 -16.13 -14.27
CA ARG A 679 -26.94 -15.38 -15.35
C ARG A 679 -27.57 -13.98 -15.40
N VAL A 680 -26.73 -12.95 -15.26
CA VAL A 680 -27.19 -11.58 -15.45
C VAL A 680 -26.74 -11.09 -16.81
N GLY A 681 -27.67 -10.46 -17.53
CA GLY A 681 -27.40 -9.88 -18.84
C GLY A 681 -26.88 -10.93 -19.79
N ASN A 682 -25.82 -10.57 -20.52
CA ASN A 682 -25.20 -11.49 -21.46
C ASN A 682 -23.95 -12.05 -20.87
N GLY A 683 -23.81 -11.87 -19.57
CA GLY A 683 -22.56 -12.11 -18.86
C GLY A 683 -22.42 -13.57 -18.59
N PRO A 684 -21.48 -13.95 -17.69
CA PRO A 684 -21.30 -15.38 -17.48
C PRO A 684 -22.47 -16.00 -16.71
N THR A 685 -22.56 -17.33 -16.81
CA THR A 685 -23.51 -18.11 -16.04
C THR A 685 -22.70 -18.77 -14.93
N LEU A 686 -23.10 -18.56 -13.68
CA LEU A 686 -22.39 -19.06 -12.52
C LEU A 686 -23.24 -20.12 -11.87
N ALA A 687 -22.60 -21.23 -11.51
CA ALA A 687 -23.29 -22.29 -10.81
C ALA A 687 -22.75 -22.39 -9.38
N PHE A 688 -23.64 -22.64 -8.42
CA PHE A 688 -23.31 -22.67 -7.00
C PHE A 688 -23.70 -24.01 -6.40
N SER A 689 -22.91 -24.44 -5.42
CA SER A 689 -23.20 -25.64 -4.63
C SER A 689 -24.40 -25.38 -3.72
N GLU A 690 -24.90 -26.45 -3.10
CA GLU A 690 -26.00 -26.28 -2.17
C GLU A 690 -25.59 -25.52 -0.90
N GLN A 691 -24.28 -25.33 -0.70
CA GLN A 691 -23.81 -24.48 0.40
C GLN A 691 -23.59 -23.03 -0.04
N GLY A 692 -24.00 -22.67 -1.24
CA GLY A 692 -23.97 -21.28 -1.68
C GLY A 692 -22.61 -20.80 -2.15
N LEU A 693 -21.73 -21.73 -2.50
CA LEU A 693 -20.37 -21.38 -2.95
C LEU A 693 -20.25 -21.67 -4.42
N LEU A 694 -19.56 -20.79 -5.13
CA LEU A 694 -19.33 -21.01 -6.54
C LEU A 694 -18.72 -22.38 -6.82
N LYS A 695 -19.21 -23.00 -7.89
CA LYS A 695 -18.68 -24.26 -8.41
C LYS A 695 -18.20 -24.17 -9.85
N SER A 696 -18.81 -23.31 -10.66
CA SER A 696 -18.38 -23.18 -12.05
C SER A 696 -18.81 -21.88 -12.67
N ILE A 697 -18.10 -21.51 -13.73
CA ILE A 697 -18.37 -20.33 -14.51
C ILE A 697 -18.41 -20.74 -15.97
N GLN A 698 -19.48 -20.35 -16.63
CA GLN A 698 -19.62 -20.58 -18.05
C GLN A 698 -19.61 -19.22 -18.74
N LEU A 699 -18.57 -18.96 -19.52
CA LEU A 699 -18.42 -17.62 -20.07
C LEU A 699 -19.51 -17.23 -21.08
N THR A 700 -19.88 -18.17 -21.95
CA THR A 700 -20.89 -17.90 -22.99
C THR A 700 -21.85 -19.07 -23.09
N GLN A 701 -23.00 -18.84 -23.72
CA GLN A 701 -24.05 -19.88 -23.89
C GLN A 701 -23.50 -21.24 -24.30
N ASP A 702 -22.58 -21.23 -25.26
CA ASP A 702 -22.07 -22.46 -25.86
C ASP A 702 -20.80 -23.00 -25.22
N SER A 703 -20.16 -22.18 -24.39
CA SER A 703 -18.87 -22.54 -23.79
C SER A 703 -19.02 -23.52 -22.63
N PRO A 704 -17.92 -24.15 -22.20
CA PRO A 704 -17.92 -25.11 -21.09
C PRO A 704 -18.20 -24.46 -19.73
N HIS A 705 -18.78 -25.24 -18.82
CA HIS A 705 -18.88 -24.80 -17.43
C HIS A 705 -17.53 -25.11 -16.79
N VAL A 706 -16.70 -24.09 -16.60
CA VAL A 706 -15.34 -24.26 -16.11
C VAL A 706 -15.35 -24.39 -14.59
N PRO A 707 -14.80 -25.49 -14.04
CA PRO A 707 -14.80 -25.65 -12.59
C PRO A 707 -14.01 -24.53 -11.90
N VAL A 708 -14.66 -23.83 -10.99
CA VAL A 708 -14.05 -22.77 -10.20
C VAL A 708 -14.79 -22.87 -8.89
N HIS A 709 -14.11 -23.40 -7.87
CA HIS A 709 -14.75 -23.75 -6.61
CA HIS A 709 -14.79 -23.67 -6.61
C HIS A 709 -14.21 -22.87 -5.47
N PHE A 710 -15.08 -22.14 -4.79
CA PHE A 710 -14.68 -21.43 -3.59
C PHE A 710 -14.77 -22.34 -2.37
N LYS A 711 -13.79 -22.24 -1.49
CA LYS A 711 -13.74 -23.03 -0.26
C LYS A 711 -13.14 -22.18 0.84
N PHE A 712 -13.62 -22.33 2.08
CA PHE A 712 -13.02 -21.67 3.24
C PHE A 712 -12.35 -22.71 4.11
N LEU A 713 -11.11 -22.42 4.49
CA LEU A 713 -10.33 -23.31 5.34
C LEU A 713 -9.74 -22.52 6.50
N LYS A 714 -9.15 -23.23 7.45
CA LYS A 714 -8.48 -22.59 8.57
C LYS A 714 -7.11 -23.17 8.78
N TYR A 715 -6.17 -22.27 9.05
CA TYR A 715 -4.88 -22.63 9.58
C TYR A 715 -4.85 -22.45 11.10
N GLY A 716 -4.04 -23.26 11.76
CA GLY A 716 -3.85 -23.12 13.20
C GLY A 716 -2.43 -22.68 13.52
N VAL A 717 -2.04 -22.89 14.78
CA VAL A 717 -0.76 -22.45 15.33
C VAL A 717 -0.08 -23.66 15.95
N ARG A 718 1.25 -23.63 15.97
CA ARG A 718 2.05 -24.74 16.51
C ARG A 718 1.95 -24.79 18.01
N SER A 719 1.82 -26.00 18.56
CA SER A 719 1.79 -26.14 20.01
C SER A 719 3.20 -26.21 20.59
N HIS A 720 4.11 -26.69 19.74
CA HIS A 720 5.56 -26.86 19.99
C HIS A 720 6.31 -25.76 19.20
N GLY A 721 7.37 -25.19 19.76
CA GLY A 721 8.19 -24.27 18.98
C GLY A 721 7.46 -22.99 18.62
N ASP A 722 7.83 -22.37 17.48
CA ASP A 722 7.55 -20.95 17.31
C ASP A 722 6.09 -20.67 16.99
N ARG A 723 5.54 -19.64 17.62
CA ARG A 723 4.13 -19.27 17.47
C ARG A 723 3.95 -18.12 16.46
N SER A 724 2.92 -18.26 15.61
CA SER A 724 2.45 -17.16 14.77
C SER A 724 2.10 -15.98 15.64
N GLY A 725 2.29 -14.79 15.10
CA GLY A 725 1.87 -13.58 15.80
C GLY A 725 1.64 -12.55 14.71
N ALA A 726 1.68 -11.27 15.08
CA ALA A 726 1.33 -10.23 14.13
C ALA A 726 2.25 -10.20 12.90
N TYR A 727 3.52 -10.58 13.08
CA TYR A 727 4.48 -10.60 11.98
C TYR A 727 4.55 -11.94 11.28
N LEU A 728 4.68 -13.01 12.07
CA LEU A 728 5.02 -14.34 11.55
C LEU A 728 3.82 -15.20 11.28
N PHE A 729 3.88 -15.93 10.17
CA PHE A 729 2.89 -16.95 9.86
C PHE A 729 3.60 -18.29 9.99
N LEU A 730 3.23 -19.04 11.02
CA LEU A 730 3.87 -20.33 11.32
C LEU A 730 2.79 -21.39 11.49
N PRO A 731 2.20 -21.81 10.37
CA PRO A 731 1.07 -22.71 10.46
C PRO A 731 1.47 -24.09 10.98
N ASN A 732 0.52 -24.75 11.62
CA ASN A 732 0.70 -26.14 12.01
C ASN A 732 0.20 -27.04 10.91
N GLY A 733 0.76 -26.87 9.72
CA GLY A 733 0.41 -27.70 8.59
C GLY A 733 -0.57 -27.02 7.66
N PRO A 734 -0.87 -27.67 6.53
CA PRO A 734 -1.84 -27.17 5.60
C PRO A 734 -3.20 -26.91 6.27
N ALA A 735 -3.96 -26.02 5.66
CA ALA A 735 -5.25 -25.61 6.20
C ALA A 735 -6.25 -26.76 6.17
N SER A 736 -7.17 -26.73 7.13
CA SER A 736 -8.27 -27.72 7.22
C SER A 736 -9.59 -27.05 6.84
N PRO A 737 -10.49 -27.76 6.13
CA PRO A 737 -11.73 -27.11 5.73
C PRO A 737 -12.56 -26.64 6.92
N VAL A 738 -13.13 -25.43 6.83
CA VAL A 738 -14.12 -24.98 7.80
C VAL A 738 -15.34 -25.89 7.68
N GLU A 739 -15.82 -26.41 8.81
CA GLU A 739 -17.02 -27.24 8.78
C GLU A 739 -18.21 -26.31 8.62
N LEU A 740 -18.95 -26.51 7.53
CA LEU A 740 -20.01 -25.55 7.15
C LEU A 740 -21.38 -25.86 7.68
N GLY A 741 -21.60 -27.12 8.09
CA GLY A 741 -22.93 -27.55 8.51
C GLY A 741 -23.90 -27.44 7.34
N GLN A 742 -25.09 -26.93 7.61
CA GLN A 742 -26.12 -26.77 6.58
C GLN A 742 -26.47 -25.28 6.51
N PRO A 743 -25.61 -24.47 5.84
CA PRO A 743 -25.80 -23.04 5.96
C PRO A 743 -27.01 -22.48 5.20
N VAL A 744 -27.48 -21.31 5.64
CA VAL A 744 -28.60 -20.65 5.02
C VAL A 744 -28.10 -19.88 3.80
N VAL A 745 -28.75 -20.08 2.65
CA VAL A 745 -28.34 -19.47 1.40
C VAL A 745 -29.45 -18.57 0.90
N LEU A 746 -29.11 -17.33 0.57
CA LEU A 746 -30.06 -16.36 0.04
C LEU A 746 -29.73 -15.99 -1.40
N VAL A 747 -30.68 -16.19 -2.29
CA VAL A 747 -30.50 -15.92 -3.70
C VAL A 747 -31.41 -14.77 -4.07
N THR A 748 -30.84 -13.71 -4.59
CA THR A 748 -31.61 -12.60 -5.08
C THR A 748 -31.38 -12.52 -6.59
N LYS A 749 -32.46 -12.53 -7.37
CA LYS A 749 -32.36 -12.52 -8.82
C LYS A 749 -33.02 -11.28 -9.36
N GLY A 750 -32.24 -10.45 -10.04
CA GLY A 750 -32.74 -9.22 -10.61
C GLY A 750 -32.25 -9.06 -12.03
N LYS A 751 -32.89 -8.15 -12.77
CA LYS A 751 -32.51 -7.88 -14.13
C LYS A 751 -31.15 -7.22 -14.20
N LEU A 752 -30.86 -6.36 -13.22
CA LEU A 752 -29.59 -5.59 -13.22
C LEU A 752 -28.53 -6.20 -12.32
N GLU A 753 -28.95 -6.86 -11.24
CA GLU A 753 -28.02 -7.39 -10.26
C GLU A 753 -28.63 -8.59 -9.59
N SER A 754 -27.88 -9.69 -9.53
CA SER A 754 -28.26 -10.88 -8.79
C SER A 754 -27.17 -11.25 -7.81
N SER A 755 -27.50 -12.06 -6.82
CA SER A 755 -26.48 -12.46 -5.88
C SER A 755 -26.85 -13.71 -5.14
N VAL A 756 -25.83 -14.39 -4.67
CA VAL A 756 -25.97 -15.51 -3.76
C VAL A 756 -25.15 -15.21 -2.52
N SER A 757 -25.78 -15.28 -1.36
CA SER A 757 -25.15 -14.98 -0.11
C SER A 757 -25.32 -16.15 0.82
N VAL A 758 -24.28 -16.48 1.58
CA VAL A 758 -24.38 -17.61 2.53
C VAL A 758 -23.74 -17.26 3.85
N GLY A 759 -24.43 -17.64 4.91
CA GLY A 759 -23.93 -17.45 6.27
C GLY A 759 -23.08 -18.61 6.72
N LEU A 760 -21.77 -18.51 6.54
CA LEU A 760 -20.83 -19.53 6.97
C LEU A 760 -20.26 -19.18 8.34
N PRO A 761 -19.69 -20.16 9.05
CA PRO A 761 -19.02 -19.80 10.31
C PRO A 761 -17.91 -18.81 10.05
N SER A 762 -18.03 -17.65 10.67
CA SER A 762 -17.07 -16.53 10.58
C SER A 762 -17.15 -15.68 9.35
N VAL A 763 -17.94 -16.08 8.37
CA VAL A 763 -17.96 -15.34 7.10
C VAL A 763 -19.33 -15.32 6.47
N VAL A 764 -19.88 -14.14 6.23
CA VAL A 764 -21.01 -14.06 5.30
C VAL A 764 -20.40 -13.84 3.91
N HIS A 765 -20.55 -14.83 3.04
CA HIS A 765 -19.87 -14.85 1.74
C HIS A 765 -20.91 -14.54 0.68
N GLN A 766 -20.61 -13.61 -0.21
CA GLN A 766 -21.55 -13.10 -1.18
CA GLN A 766 -21.55 -13.15 -1.20
C GLN A 766 -20.90 -13.07 -2.56
N THR A 767 -21.61 -13.60 -3.55
CA THR A 767 -21.19 -13.51 -4.95
C THR A 767 -22.24 -12.67 -5.67
N ILE A 768 -21.80 -11.56 -6.25
CA ILE A 768 -22.69 -10.59 -6.91
C ILE A 768 -22.44 -10.52 -8.40
N MET A 769 -23.52 -10.55 -9.17
CA MET A 769 -23.41 -10.57 -10.62
C MET A 769 -24.13 -9.39 -11.20
N ARG A 770 -23.42 -8.63 -12.02
CA ARG A 770 -24.00 -7.47 -12.69
C ARG A 770 -23.85 -7.55 -14.20
N GLY A 771 -23.46 -8.72 -14.68
CA GLY A 771 -23.38 -8.92 -16.12
C GLY A 771 -21.98 -9.05 -16.65
N GLY A 772 -20.98 -8.89 -15.78
CA GLY A 772 -19.58 -9.20 -16.16
C GLY A 772 -18.94 -10.07 -15.09
N ALA A 773 -17.64 -9.87 -14.82
CA ALA A 773 -16.98 -10.65 -13.77
C ALA A 773 -17.69 -10.44 -12.42
N PRO A 774 -17.93 -11.52 -11.68
CA PRO A 774 -18.60 -11.33 -10.38
C PRO A 774 -17.80 -10.50 -9.40
N GLU A 775 -18.55 -9.91 -8.47
CA GLU A 775 -17.97 -9.31 -7.29
C GLU A 775 -18.14 -10.27 -6.11
N ILE A 776 -17.11 -10.45 -5.30
CA ILE A 776 -17.21 -11.25 -4.10
C ILE A 776 -17.10 -10.31 -2.91
N ARG A 777 -17.97 -10.46 -1.91
CA ARG A 777 -17.85 -9.71 -0.65
C ARG A 777 -17.88 -10.71 0.48
N ASN A 778 -16.92 -10.61 1.40
CA ASN A 778 -16.92 -11.43 2.58
C ASN A 778 -17.02 -10.54 3.80
N LEU A 779 -18.07 -10.73 4.59
CA LEU A 779 -18.13 -10.08 5.88
C LEU A 779 -17.52 -11.03 6.86
N VAL A 780 -16.29 -10.73 7.26
CA VAL A 780 -15.47 -11.67 8.02
C VAL A 780 -15.47 -11.28 9.50
N ASP A 781 -15.99 -12.17 10.33
CA ASP A 781 -15.99 -11.98 11.78
C ASP A 781 -15.46 -13.23 12.44
N ILE A 782 -14.16 -13.24 12.72
CA ILE A 782 -13.51 -14.42 13.27
C ILE A 782 -13.88 -14.60 14.73
N GLY A 783 -14.59 -13.64 15.30
CA GLY A 783 -15.18 -13.84 16.64
C GLY A 783 -14.13 -14.20 17.67
N SER A 784 -14.37 -15.25 18.47
CA SER A 784 -13.42 -15.63 19.50
C SER A 784 -12.58 -16.87 19.12
N LEU A 785 -12.44 -17.13 17.82
CA LEU A 785 -11.65 -18.29 17.39
C LEU A 785 -10.15 -18.07 17.54
N ASP A 786 -9.63 -18.26 18.75
CA ASP A 786 -8.21 -18.00 18.99
C ASP A 786 -7.35 -18.95 18.15
N ASN A 787 -6.17 -18.47 17.81
CA ASN A 787 -5.20 -19.26 17.08
C ASN A 787 -5.74 -19.85 15.79
N THR A 788 -6.43 -19.01 15.02
CA THR A 788 -7.05 -19.43 13.77
C THR A 788 -6.75 -18.38 12.72
N GLU A 789 -6.42 -18.85 11.51
CA GLU A 789 -6.35 -17.95 10.34
C GLU A 789 -7.32 -18.50 9.32
N ILE A 790 -8.25 -17.66 8.86
CA ILE A 790 -9.27 -18.09 7.92
C ILE A 790 -8.80 -17.72 6.53
N VAL A 791 -8.80 -18.70 5.64
CA VAL A 791 -8.38 -18.53 4.26
C VAL A 791 -9.51 -18.81 3.30
N MET A 792 -9.59 -18.01 2.25
CA MET A 792 -10.51 -18.28 1.12
C MET A 792 -9.68 -18.85 -0.02
N ARG A 793 -10.04 -20.04 -0.47
CA ARG A 793 -9.32 -20.71 -1.56
C ARG A 793 -10.23 -20.87 -2.77
N LEU A 794 -9.63 -20.81 -3.96
CA LEU A 794 -10.24 -21.12 -5.22
C LEU A 794 -9.56 -22.34 -5.78
N GLU A 795 -10.36 -23.35 -6.15
CA GLU A 795 -9.83 -24.57 -6.74
C GLU A 795 -10.30 -24.65 -8.18
N THR A 796 -9.36 -24.83 -9.11
CA THR A 796 -9.66 -24.88 -10.53
C THR A 796 -8.87 -26.02 -11.18
N HIS A 797 -9.12 -26.19 -12.48
CA HIS A 797 -8.38 -27.13 -13.34
C HIS A 797 -7.37 -26.46 -14.21
N ILE A 798 -7.04 -25.23 -13.90
CA ILE A 798 -6.01 -24.55 -14.64
C ILE A 798 -4.65 -25.18 -14.35
N ASP A 799 -3.92 -25.52 -15.42
CA ASP A 799 -2.67 -26.24 -15.26
C ASP A 799 -1.51 -25.26 -15.02
N SER A 800 -1.55 -24.61 -13.86
CA SER A 800 -0.59 -23.55 -13.54
C SER A 800 0.71 -24.13 -13.03
N GLY A 801 0.72 -25.36 -12.55
CA GLY A 801 1.94 -25.98 -12.07
C GLY A 801 2.39 -25.35 -10.77
N ASP A 802 3.56 -24.73 -10.79
CA ASP A 802 4.08 -24.05 -9.62
C ASP A 802 4.14 -22.53 -9.80
N ILE A 803 3.52 -22.03 -10.87
CA ILE A 803 3.58 -20.60 -11.19
C ILE A 803 2.33 -19.88 -10.79
N PHE A 804 2.51 -18.67 -10.27
CA PHE A 804 1.37 -17.79 -10.04
C PHE A 804 1.90 -16.36 -10.07
N TYR A 805 0.99 -15.39 -10.06
CA TYR A 805 1.40 -14.00 -10.18
C TYR A 805 0.72 -13.24 -9.06
N THR A 806 1.45 -12.29 -8.46
CA THR A 806 0.89 -11.43 -7.42
C THR A 806 1.36 -10.04 -7.74
N ASP A 807 0.66 -9.02 -7.26
CA ASP A 807 1.14 -7.67 -7.55
C ASP A 807 2.04 -7.09 -6.49
N LEU A 808 2.75 -6.06 -6.89
CA LEU A 808 3.57 -5.30 -5.97
C LEU A 808 2.99 -3.90 -5.90
N ASN A 809 2.45 -3.54 -4.73
CA ASN A 809 1.96 -2.17 -4.46
C ASN A 809 0.94 -1.67 -5.47
N GLY A 810 0.17 -2.57 -6.12
CA GLY A 810 -0.82 -2.09 -7.08
C GLY A 810 -0.23 -1.55 -8.36
N LEU A 811 1.07 -1.78 -8.56
CA LEU A 811 1.78 -1.16 -9.67
C LEU A 811 2.14 -2.14 -10.77
N GLN A 812 2.49 -3.36 -10.38
CA GLN A 812 3.05 -4.32 -11.34
C GLN A 812 2.73 -5.71 -10.85
N PHE A 813 2.66 -6.68 -11.78
CA PHE A 813 2.49 -8.07 -11.43
C PHE A 813 3.79 -8.83 -11.63
N ILE A 814 4.19 -9.59 -10.63
CA ILE A 814 5.45 -10.30 -10.66
C ILE A 814 5.18 -11.80 -10.61
N LYS A 815 5.94 -12.54 -11.41
CA LYS A 815 5.85 -13.99 -11.43
C LYS A 815 6.40 -14.56 -10.14
N ARG A 816 5.62 -15.47 -9.53
CA ARG A 816 6.05 -16.21 -8.34
C ARG A 816 6.21 -17.67 -8.73
N ARG A 817 7.10 -18.39 -8.05
CA ARG A 817 7.16 -19.84 -8.24
C ARG A 817 7.08 -20.45 -6.87
N ARG A 818 6.07 -21.28 -6.65
CA ARG A 818 5.98 -22.04 -5.43
C ARG A 818 7.18 -22.96 -5.37
N LEU A 819 7.85 -22.98 -4.24
CA LEU A 819 9.04 -23.81 -4.10
C LEU A 819 8.82 -24.78 -2.96
N ASP A 820 8.86 -26.07 -3.29
CA ASP A 820 8.66 -27.02 -2.23
C ASP A 820 9.87 -27.16 -1.29
N LYS A 821 11.01 -26.56 -1.68
CA LYS A 821 12.16 -26.50 -0.76
C LYS A 821 11.96 -25.42 0.32
N LEU A 822 10.88 -24.65 0.18
CA LEU A 822 10.53 -23.66 1.21
C LEU A 822 9.24 -24.08 1.90
N PRO A 823 9.09 -23.71 3.18
CA PRO A 823 7.86 -24.07 3.89
C PRO A 823 6.66 -23.27 3.40
N LEU A 824 5.47 -23.73 3.75
CA LEU A 824 4.23 -23.12 3.29
C LEU A 824 4.25 -21.58 3.46
N GLN A 825 4.62 -21.13 4.64
CA GLN A 825 4.56 -19.67 4.93
C GLN A 825 5.52 -18.82 4.08
N ALA A 826 6.54 -19.46 3.52
CA ALA A 826 7.47 -18.79 2.62
C ALA A 826 6.89 -18.61 1.25
N ASN A 827 5.91 -19.44 0.91
CA ASN A 827 5.24 -19.38 -0.39
C ASN A 827 4.05 -18.43 -0.40
N TYR A 828 3.83 -17.79 0.76
CA TYR A 828 2.86 -16.70 0.89
C TYR A 828 3.52 -15.42 0.50
N TYR A 829 2.79 -14.60 -0.27
CA TYR A 829 3.27 -13.28 -0.76
C TYR A 829 2.20 -12.23 -0.48
N PRO A 830 2.61 -10.97 -0.52
CA PRO A 830 1.62 -9.91 -0.41
C PRO A 830 0.66 -9.96 -1.62
N ILE A 831 -0.64 -9.77 -1.38
CA ILE A 831 -1.62 -9.58 -2.45
C ILE A 831 -2.19 -8.18 -2.26
N PRO A 832 -1.43 -7.17 -2.64
CA PRO A 832 -1.88 -5.81 -2.36
C PRO A 832 -3.05 -5.40 -3.22
N SER A 833 -3.20 -5.97 -4.41
CA SER A 833 -4.35 -5.67 -5.24
C SER A 833 -4.82 -6.80 -6.15
N GLY A 834 -4.01 -7.83 -6.34
CA GLY A 834 -4.45 -8.87 -7.24
C GLY A 834 -3.51 -10.04 -7.35
N MET A 835 -4.04 -11.16 -7.86
CA MET A 835 -3.22 -12.32 -8.10
C MET A 835 -3.87 -13.11 -9.21
N PHE A 836 -3.08 -13.90 -9.90
CA PHE A 836 -3.64 -14.76 -10.95
C PHE A 836 -2.87 -16.03 -11.17
N ILE A 837 -3.57 -17.03 -11.73
CA ILE A 837 -2.92 -18.23 -12.26
C ILE A 837 -3.40 -18.41 -13.67
N GLU A 838 -2.55 -19.07 -14.49
CA GLU A 838 -2.92 -19.32 -15.87
C GLU A 838 -2.23 -20.54 -16.41
N ASP A 839 -2.80 -21.09 -17.49
CA ASP A 839 -2.09 -22.05 -18.31
C ASP A 839 -2.12 -21.53 -19.75
N ALA A 840 -1.88 -22.42 -20.72
CA ALA A 840 -1.89 -21.94 -22.08
C ALA A 840 -3.20 -21.31 -22.51
N ASN A 841 -4.31 -21.79 -21.94
CA ASN A 841 -5.64 -21.40 -22.42
C ASN A 841 -6.50 -20.54 -21.51
N THR A 842 -6.29 -20.66 -20.20
CA THR A 842 -7.24 -20.13 -19.22
C THR A 842 -6.47 -19.37 -18.14
N ARG A 843 -7.06 -18.25 -17.71
CA ARG A 843 -6.52 -17.47 -16.58
C ARG A 843 -7.67 -17.23 -15.60
N LEU A 844 -7.34 -17.28 -14.31
CA LEU A 844 -8.24 -16.81 -13.29
C LEU A 844 -7.55 -15.72 -12.51
N THR A 845 -8.15 -14.52 -12.49
CA THR A 845 -7.57 -13.38 -11.76
C THR A 845 -8.51 -13.01 -10.63
N LEU A 846 -7.95 -12.87 -9.43
CA LEU A 846 -8.69 -12.38 -8.27
C LEU A 846 -8.15 -11.00 -7.92
N LEU A 847 -8.99 -9.98 -8.07
CA LEU A 847 -8.62 -8.60 -7.70
C LEU A 847 -9.16 -8.33 -6.32
N THR A 848 -8.44 -7.51 -5.55
CA THR A 848 -8.83 -7.24 -4.15
C THR A 848 -9.02 -5.73 -3.90
N GLY A 849 -9.89 -5.41 -2.96
CA GLY A 849 -10.05 -4.05 -2.49
C GLY A 849 -9.29 -3.75 -1.22
N GLN A 850 -8.37 -4.65 -0.87
CA GLN A 850 -7.58 -4.55 0.36
C GLN A 850 -6.40 -5.46 0.26
N PRO A 851 -5.26 -5.06 0.84
CA PRO A 851 -4.08 -5.94 0.80
C PRO A 851 -4.26 -7.08 1.82
N LEU A 852 -3.97 -8.31 1.37
CA LEU A 852 -4.06 -9.49 2.20
C LEU A 852 -2.92 -10.42 1.77
N GLY A 853 -2.64 -11.47 2.54
CA GLY A 853 -1.61 -12.41 2.14
C GLY A 853 -2.20 -13.56 1.33
N GLY A 854 -1.41 -14.15 0.46
CA GLY A 854 -1.98 -15.25 -0.35
C GLY A 854 -0.94 -16.06 -1.08
N SER A 855 -1.40 -17.07 -1.80
CA SER A 855 -0.48 -17.96 -2.47
C SER A 855 -1.24 -18.81 -3.47
N SER A 856 -0.47 -19.67 -4.14
CA SER A 856 -1.04 -20.77 -4.89
C SER A 856 -0.27 -21.99 -4.42
N LEU A 857 -0.88 -22.80 -3.54
CA LEU A 857 -0.14 -23.85 -2.86
C LEU A 857 -0.19 -25.17 -3.62
N ALA A 858 -0.97 -25.19 -4.70
CA ALA A 858 -1.03 -26.34 -5.61
C ALA A 858 -1.52 -25.85 -6.96
N SER A 859 -1.17 -26.58 -8.02
CA SER A 859 -1.58 -26.23 -9.36
C SER A 859 -3.09 -26.00 -9.38
N GLY A 860 -3.50 -24.95 -10.09
CA GLY A 860 -4.92 -24.64 -10.22
C GLY A 860 -5.55 -23.93 -9.02
N GLU A 861 -4.78 -23.66 -7.96
CA GLU A 861 -5.34 -22.99 -6.77
C GLU A 861 -4.91 -21.53 -6.63
N LEU A 862 -5.79 -20.74 -6.03
CA LEU A 862 -5.44 -19.41 -5.51
C LEU A 862 -5.97 -19.39 -4.08
N GLU A 863 -5.27 -18.74 -3.17
CA GLU A 863 -5.85 -18.56 -1.83
C GLU A 863 -5.42 -17.26 -1.25
N ILE A 864 -6.29 -16.70 -0.41
CA ILE A 864 -6.04 -15.38 0.16
C ILE A 864 -6.58 -15.36 1.58
N MET A 865 -5.74 -14.98 2.51
CA MET A 865 -6.14 -14.99 3.91
C MET A 865 -7.12 -13.85 4.21
N GLN A 866 -8.14 -14.15 5.01
CA GLN A 866 -9.20 -13.19 5.33
C GLN A 866 -8.96 -12.47 6.66
N ASP A 867 -8.61 -13.24 7.69
CA ASP A 867 -8.28 -12.65 9.00
C ASP A 867 -7.51 -13.68 9.80
N ARG A 868 -6.87 -13.24 10.87
CA ARG A 868 -6.11 -14.12 11.71
C ARG A 868 -6.23 -13.60 13.14
N ARG A 869 -6.41 -14.53 14.08
CA ARG A 869 -6.55 -14.20 15.50
C ARG A 869 -5.57 -15.08 16.23
N LEU A 870 -4.62 -14.46 16.93
CA LEU A 870 -3.44 -15.16 17.46
C LEU A 870 -3.25 -14.84 18.91
N ALA A 871 -3.23 -15.88 19.72
CA ALA A 871 -3.14 -15.65 21.13
C ALA A 871 -1.75 -15.30 21.66
N SER A 872 -0.72 -15.67 20.92
CA SER A 872 0.65 -15.48 21.42
C SER A 872 1.40 -14.37 20.71
N ASP A 873 2.38 -13.81 21.42
CA ASP A 873 3.38 -12.93 20.84
C ASP A 873 4.39 -13.75 20.00
N ASP A 874 4.94 -13.14 18.95
CA ASP A 874 5.89 -13.84 18.07
C ASP A 874 7.32 -13.34 18.24
N GLU A 875 7.59 -12.79 19.42
CA GLU A 875 8.99 -12.59 19.83
C GLU A 875 9.78 -11.57 19.00
N ARG A 876 9.09 -10.56 18.47
CA ARG A 876 9.78 -9.51 17.73
C ARG A 876 9.66 -8.17 18.42
N GLY A 877 9.09 -8.15 19.62
CA GLY A 877 9.09 -6.94 20.45
C GLY A 877 7.72 -6.32 20.65
N LEU A 878 6.71 -6.82 19.93
CA LEU A 878 5.39 -6.22 20.05
C LEU A 878 4.76 -6.51 21.40
N GLY A 879 5.03 -7.68 21.97
CA GLY A 879 4.56 -8.01 23.31
C GLY A 879 3.07 -8.28 23.43
N GLN A 880 2.45 -8.69 22.34
CA GLN A 880 1.05 -9.09 22.35
C GLN A 880 0.78 -9.91 21.11
N GLY A 881 -0.28 -10.70 21.20
CA GLY A 881 -0.85 -11.35 20.04
C GLY A 881 -1.74 -10.43 19.24
N VAL A 882 -2.64 -11.04 18.48
CA VAL A 882 -3.63 -10.29 17.73
C VAL A 882 -4.99 -10.81 18.18
N LEU A 883 -5.60 -10.07 19.09
CA LEU A 883 -6.88 -10.49 19.67
C LEU A 883 -7.92 -9.38 19.62
N ASP A 884 -7.69 -8.41 18.74
CA ASP A 884 -8.53 -7.22 18.62
C ASP A 884 -9.27 -7.17 17.29
N ASN A 885 -9.52 -8.33 16.71
CA ASN A 885 -10.27 -8.43 15.48
C ASN A 885 -11.62 -7.77 15.56
N LYS A 886 -12.06 -7.25 14.44
CA LYS A 886 -13.41 -6.72 14.33
C LYS A 886 -13.93 -7.05 12.93
N PRO A 887 -15.25 -7.10 12.76
CA PRO A 887 -15.83 -7.44 11.46
C PRO A 887 -15.31 -6.52 10.37
N VAL A 888 -14.95 -7.13 9.23
CA VAL A 888 -14.46 -6.38 8.09
C VAL A 888 -15.13 -6.93 6.85
N LEU A 889 -15.48 -6.03 5.95
CA LEU A 889 -16.03 -6.40 4.66
C LEU A 889 -14.92 -6.37 3.60
N HIS A 890 -14.47 -7.55 3.22
CA HIS A 890 -13.48 -7.67 2.14
C HIS A 890 -14.17 -7.72 0.81
N ILE A 891 -13.60 -7.05 -0.19
CA ILE A 891 -14.21 -7.06 -1.51
C ILE A 891 -13.25 -7.53 -2.58
N TYR A 892 -13.79 -8.16 -3.64
CA TYR A 892 -13.00 -8.75 -4.70
C TYR A 892 -13.74 -8.73 -6.01
N ARG A 893 -13.00 -8.90 -7.10
CA ARG A 893 -13.60 -9.27 -8.39
C ARG A 893 -12.92 -10.53 -8.85
N LEU A 894 -13.70 -11.41 -9.48
CA LEU A 894 -13.19 -12.69 -9.92
C LEU A 894 -13.34 -12.79 -11.44
N VAL A 895 -12.22 -12.87 -12.16
CA VAL A 895 -12.23 -12.74 -13.60
C VAL A 895 -11.64 -14.00 -14.24
N LEU A 896 -12.50 -14.81 -14.84
CA LEU A 896 -12.07 -16.00 -15.57
C LEU A 896 -12.04 -15.62 -17.03
N GLU A 897 -10.94 -15.93 -17.71
CA GLU A 897 -10.75 -15.50 -19.09
C GLU A 897 -10.05 -16.54 -19.93
N LYS A 898 -10.38 -16.58 -21.23
CA LYS A 898 -9.62 -17.36 -22.21
C LYS A 898 -8.45 -16.51 -22.63
N VAL A 899 -7.24 -17.06 -22.53
CA VAL A 899 -6.03 -16.29 -22.80
C VAL A 899 -5.15 -16.89 -23.89
N ASN A 900 -5.64 -17.92 -24.58
CA ASN A 900 -4.81 -18.55 -25.60
C ASN A 900 -4.43 -17.60 -26.75
N ASN A 901 -5.25 -16.58 -26.99
CA ASN A 901 -4.96 -15.58 -28.03
C ASN A 901 -4.15 -14.39 -27.58
N CYS A 902 -3.87 -14.29 -26.28
CA CYS A 902 -3.16 -13.14 -25.77
C CYS A 902 -1.68 -13.22 -26.04
N VAL A 903 -1.08 -12.07 -26.33
CA VAL A 903 0.37 -12.00 -26.48
C VAL A 903 0.98 -11.81 -25.09
N ARG A 904 1.52 -12.88 -24.56
CA ARG A 904 2.09 -12.89 -23.23
C ARG A 904 3.61 -12.91 -23.27
N PRO A 905 4.25 -12.52 -22.17
CA PRO A 905 5.71 -12.62 -22.08
C PRO A 905 6.17 -14.05 -22.25
N SER A 906 7.44 -14.24 -22.62
CA SER A 906 7.97 -15.57 -22.75
C SER A 906 8.12 -16.23 -21.39
N LYS A 907 8.39 -17.52 -21.39
CA LYS A 907 8.51 -18.29 -20.16
C LYS A 907 9.56 -17.76 -19.20
N LEU A 908 10.60 -17.12 -19.72
CA LEU A 908 11.69 -16.60 -18.89
C LEU A 908 11.46 -15.18 -18.37
N HIS A 909 10.40 -14.51 -18.82
CA HIS A 909 10.14 -13.13 -18.39
C HIS A 909 9.61 -13.11 -16.96
N PRO A 910 10.14 -12.20 -16.12
CA PRO A 910 9.70 -12.18 -14.71
C PRO A 910 8.38 -11.48 -14.42
N ALA A 911 7.75 -10.86 -15.41
CA ALA A 911 6.51 -10.10 -15.16
C ALA A 911 5.29 -10.80 -15.76
N GLY A 912 4.11 -10.38 -15.29
CA GLY A 912 2.86 -10.68 -15.97
C GLY A 912 2.07 -9.41 -16.06
N TYR A 913 1.01 -9.45 -16.86
CA TYR A 913 0.17 -8.26 -17.11
C TYR A 913 -1.28 -8.62 -17.12
N LEU A 914 -2.11 -7.71 -16.60
CA LEU A 914 -3.55 -7.90 -16.61
C LEU A 914 -4.14 -7.73 -17.98
N THR A 915 -5.33 -8.32 -18.18
CA THR A 915 -6.16 -7.99 -19.32
C THR A 915 -6.94 -6.72 -19.03
N SER A 916 -7.53 -6.13 -20.07
CA SER A 916 -8.41 -5.00 -19.91
C SER A 916 -9.49 -5.28 -18.86
N ALA A 917 -10.14 -6.44 -18.93
CA ALA A 917 -11.26 -6.69 -18.03
C ALA A 917 -10.78 -6.76 -16.57
N ALA A 918 -9.61 -7.34 -16.36
CA ALA A 918 -9.12 -7.49 -14.99
C ALA A 918 -8.67 -6.15 -14.43
N HIS A 919 -8.07 -5.33 -15.29
CA HIS A 919 -7.67 -3.99 -14.87
C HIS A 919 -8.91 -3.15 -14.53
N LYS A 920 -9.91 -3.15 -15.38
CA LYS A 920 -11.14 -2.44 -15.08
C LYS A 920 -11.74 -2.96 -13.79
N ALA A 921 -11.68 -4.27 -13.58
CA ALA A 921 -12.25 -4.85 -12.35
C ALA A 921 -11.49 -4.35 -11.12
N SER A 922 -10.17 -4.25 -11.23
CA SER A 922 -9.40 -3.68 -10.13
C SER A 922 -9.77 -2.21 -9.88
N GLN A 923 -9.95 -1.43 -10.96
CA GLN A 923 -10.34 -0.04 -10.78
C GLN A 923 -11.71 0.06 -10.12
N SER A 924 -12.59 -0.91 -10.38
CA SER A 924 -13.95 -0.84 -9.83
C SER A 924 -13.92 -1.01 -8.31
N LEU A 925 -12.89 -1.69 -7.81
CA LEU A 925 -12.74 -1.94 -6.37
C LEU A 925 -12.00 -0.77 -5.73
N LEU A 926 -10.93 -0.28 -6.37
CA LEU A 926 -10.11 0.74 -5.72
C LEU A 926 -10.62 2.15 -5.90
N ASP A 927 -11.17 2.45 -7.08
CA ASP A 927 -11.67 3.78 -7.34
C ASP A 927 -13.08 3.77 -7.93
N PRO A 928 -14.06 3.34 -7.12
CA PRO A 928 -15.44 3.29 -7.59
C PRO A 928 -15.98 4.70 -7.78
N LEU A 929 -17.17 4.80 -8.37
CA LEU A 929 -17.85 6.08 -8.36
C LEU A 929 -18.15 6.48 -6.92
N ASP A 930 -18.01 7.78 -6.66
CA ASP A 930 -18.44 8.31 -5.37
C ASP A 930 -19.88 8.74 -5.50
N LYS A 931 -20.65 8.53 -4.43
CA LYS A 931 -22.08 8.86 -4.44
C LYS A 931 -22.40 9.90 -3.39
N PHE A 932 -23.14 10.94 -3.80
CA PHE A 932 -23.49 12.05 -2.92
C PHE A 932 -25.01 12.19 -2.92
N ILE A 933 -25.57 12.38 -1.73
CA ILE A 933 -27.01 12.58 -1.59
C ILE A 933 -27.25 14.01 -1.15
N PHE A 934 -28.05 14.78 -1.91
CA PHE A 934 -28.27 16.17 -1.52
C PHE A 934 -28.98 16.22 -0.17
N ALA A 935 -28.50 17.08 0.74
CA ALA A 935 -28.90 16.98 2.14
C ALA A 935 -30.15 17.73 2.54
N GLU A 936 -30.60 18.67 1.71
CA GLU A 936 -31.81 19.46 2.04
C GLU A 936 -32.89 19.17 1.01
N ASN A 937 -34.03 19.83 1.12
CA ASN A 937 -35.15 19.45 0.27
C ASN A 937 -35.01 19.88 -1.17
N GLU A 938 -34.46 21.06 -1.39
CA GLU A 938 -34.38 21.63 -2.72
C GLU A 938 -33.00 22.19 -3.00
N TRP A 939 -32.45 21.78 -4.13
CA TRP A 939 -31.17 22.29 -4.59
C TRP A 939 -31.40 23.32 -5.70
N ILE A 940 -31.35 24.60 -5.35
CA ILE A 940 -31.62 25.64 -6.35
C ILE A 940 -30.36 25.85 -7.17
N GLY A 941 -30.54 25.92 -8.48
CA GLY A 941 -29.42 26.13 -9.40
C GLY A 941 -28.71 24.85 -9.80
N ALA A 942 -29.28 23.71 -9.46
CA ALA A 942 -28.65 22.42 -9.81
C ALA A 942 -28.39 22.24 -11.29
N GLN A 943 -27.25 21.64 -11.58
CA GLN A 943 -26.81 21.30 -12.92
C GLN A 943 -26.68 19.80 -13.09
N GLY A 944 -26.76 19.35 -14.33
CA GLY A 944 -26.87 17.94 -14.62
C GLY A 944 -25.55 17.21 -14.67
N GLN A 945 -24.49 17.93 -15.00
CA GLN A 945 -23.24 17.25 -15.33
C GLN A 945 -22.08 18.22 -15.20
N PHE A 946 -20.92 17.66 -14.87
CA PHE A 946 -19.68 18.41 -14.96
C PHE A 946 -18.68 17.52 -15.63
N GLY A 947 -17.89 18.08 -16.55
CA GLY A 947 -16.79 17.32 -17.12
C GLY A 947 -17.14 16.64 -18.43
N GLY A 948 -18.30 16.96 -19.00
CA GLY A 948 -18.66 16.35 -20.28
C GLY A 948 -17.66 16.61 -21.39
N ASP A 949 -16.90 17.70 -21.29
CA ASP A 949 -15.90 18.05 -22.30
C ASP A 949 -14.50 17.51 -21.95
N HIS A 950 -14.35 16.82 -20.82
CA HIS A 950 -13.05 16.26 -20.47
C HIS A 950 -12.69 15.13 -21.41
N PRO A 951 -11.43 15.06 -21.87
CA PRO A 951 -11.03 13.94 -22.74
C PRO A 951 -11.18 12.59 -22.08
N SER A 952 -11.64 11.61 -22.86
CA SER A 952 -11.80 10.25 -22.36
C SER A 952 -10.61 9.44 -22.83
N ALA A 953 -9.65 9.27 -21.93
CA ALA A 953 -8.33 8.74 -22.24
C ALA A 953 -8.35 7.24 -22.44
N ARG A 954 -7.34 6.73 -23.15
CA ARG A 954 -7.19 5.31 -23.34
C ARG A 954 -7.26 4.58 -21.99
N GLU A 955 -7.84 3.39 -22.01
CA GLU A 955 -8.18 2.69 -20.78
C GLU A 955 -6.98 2.36 -19.88
N ASP A 956 -5.78 2.30 -20.45
CA ASP A 956 -4.61 1.93 -19.65
C ASP A 956 -4.00 3.15 -18.95
N LEU A 957 -4.53 4.34 -19.22
CA LEU A 957 -3.98 5.57 -18.65
C LEU A 957 -4.82 6.05 -17.49
N ASP A 958 -4.15 6.45 -16.41
CA ASP A 958 -4.84 7.03 -15.26
C ASP A 958 -4.23 8.36 -14.87
N VAL A 959 -5.06 9.27 -14.37
CA VAL A 959 -4.62 10.46 -13.65
C VAL A 959 -4.63 10.07 -12.18
N SER A 960 -3.50 9.54 -11.74
CA SER A 960 -3.40 9.01 -10.38
C SER A 960 -3.58 10.09 -9.34
N VAL A 961 -3.09 11.29 -9.65
CA VAL A 961 -3.18 12.42 -8.74
C VAL A 961 -3.50 13.65 -9.57
N MET A 962 -4.43 14.44 -9.06
CA MET A 962 -4.59 15.81 -9.52
C MET A 962 -4.64 16.62 -8.23
N ARG A 963 -3.73 17.61 -8.11
CA ARG A 963 -3.60 18.38 -6.88
C ARG A 963 -3.28 19.82 -7.18
N ARG A 964 -4.13 20.75 -6.74
CA ARG A 964 -3.73 22.17 -6.88
C ARG A 964 -2.61 22.44 -5.86
N LEU A 965 -1.57 23.11 -6.31
CA LEU A 965 -0.34 23.27 -5.51
C LEU A 965 -0.18 24.65 -4.89
N THR A 966 -1.08 25.56 -5.26
CA THR A 966 -1.03 26.95 -4.83
C THR A 966 -2.30 27.33 -4.11
N LYS A 967 -2.17 28.20 -3.12
CA LYS A 967 -3.31 28.82 -2.44
C LYS A 967 -3.87 29.96 -3.28
N SER A 968 -5.03 30.48 -2.88
CA SER A 968 -5.77 31.41 -3.75
C SER A 968 -5.07 32.73 -3.96
N SER A 969 -4.19 33.13 -3.06
CA SER A 969 -3.56 34.43 -3.24
C SER A 969 -2.41 34.42 -4.28
N ALA A 970 -2.01 33.25 -4.78
CA ALA A 970 -0.93 33.19 -5.75
C ALA A 970 -1.37 33.71 -7.11
N LYS A 971 -0.63 34.69 -7.64
CA LYS A 971 -0.89 35.17 -8.98
C LYS A 971 -0.85 34.06 -10.04
N THR A 972 0.16 33.20 -9.97
CA THR A 972 0.25 32.11 -10.91
C THR A 972 -0.19 30.86 -10.18
N GLN A 973 -1.35 30.34 -10.57
CA GLN A 973 -1.84 29.10 -9.99
C GLN A 973 -1.10 27.93 -10.63
N ARG A 974 -0.89 26.86 -9.84
CA ARG A 974 -0.18 25.68 -10.34
C ARG A 974 -0.97 24.45 -9.94
N VAL A 975 -1.12 23.54 -10.89
CA VAL A 975 -1.85 22.28 -10.62
C VAL A 975 -0.95 21.15 -11.05
N GLY A 976 -0.78 20.19 -10.17
CA GLY A 976 0.06 19.02 -10.43
C GLY A 976 -0.75 17.79 -10.77
N TYR A 977 -0.23 17.01 -11.71
CA TYR A 977 -0.85 15.76 -12.16
C TYR A 977 0.20 14.66 -12.17
N VAL A 978 -0.17 13.50 -11.67
CA VAL A 978 0.63 12.29 -11.84
C VAL A 978 -0.14 11.40 -12.80
N LEU A 979 0.50 11.05 -13.93
CA LEU A 979 -0.09 10.20 -14.96
C LEU A 979 0.58 8.87 -14.94
N HIS A 980 -0.19 7.81 -14.87
CA HIS A 980 0.35 6.48 -14.87
C HIS A 980 -0.29 5.68 -15.99
N ARG A 981 0.53 5.05 -16.83
CA ARG A 981 0.02 4.12 -17.84
CA ARG A 981 -0.02 4.10 -17.81
C ARG A 981 0.43 2.71 -17.44
N THR A 982 -0.56 1.83 -17.30
CA THR A 982 -0.26 0.45 -17.04
C THR A 982 0.03 -0.25 -18.38
N ASN A 983 0.23 -1.55 -18.36
CA ASN A 983 0.38 -2.30 -19.61
C ASN A 983 -0.61 -3.44 -19.57
N LEU A 984 -1.52 -3.44 -20.55
CA LEU A 984 -2.56 -4.45 -20.63
C LEU A 984 -2.25 -5.42 -21.75
N MET A 985 -2.59 -6.68 -21.55
CA MET A 985 -2.32 -7.69 -22.57
CA MET A 985 -2.36 -7.73 -22.54
C MET A 985 -3.13 -7.48 -23.82
N GLN A 986 -2.46 -7.69 -24.95
CA GLN A 986 -3.14 -7.64 -26.25
C GLN A 986 -3.74 -9.01 -26.48
N CYS A 987 -5.06 -9.09 -26.57
CA CYS A 987 -5.73 -10.38 -26.83
C CYS A 987 -6.66 -10.34 -28.04
N GLY A 988 -6.46 -9.39 -28.94
CA GLY A 988 -7.25 -9.37 -30.18
C GLY A 988 -8.55 -8.60 -30.13
N THR A 989 -8.77 -7.81 -29.08
CA THR A 989 -9.89 -6.88 -29.08
C THR A 989 -9.38 -5.64 -29.81
N PRO A 990 -9.99 -5.31 -30.97
CA PRO A 990 -9.56 -4.14 -31.75
C PRO A 990 -9.58 -2.88 -30.88
N GLU A 991 -8.57 -2.03 -31.06
CA GLU A 991 -8.49 -0.80 -30.30
C GLU A 991 -9.40 0.26 -30.90
N GLU A 992 -10.15 0.92 -30.02
CA GLU A 992 -10.99 2.06 -30.39
C GLU A 992 -10.19 3.35 -30.36
N HIS A 993 -10.46 4.26 -31.28
CA HIS A 993 -10.25 5.71 -31.10
C HIS A 993 -9.54 6.26 -29.85
N THR A 994 -10.30 6.56 -28.82
CA THR A 994 -9.86 7.43 -27.74
C THR A 994 -9.16 8.77 -27.99
N GLN A 995 -9.49 9.72 -27.11
N GLN A 995 -9.51 9.75 -27.18
CA GLN A 995 -8.94 11.06 -27.15
CA GLN A 995 -8.88 11.07 -27.23
C GLN A 995 -7.61 11.15 -26.40
C GLN A 995 -7.54 11.07 -26.53
N LYS A 996 -6.69 11.93 -26.95
N LYS A 996 -6.62 11.91 -26.97
CA LYS A 996 -5.47 12.31 -26.27
CA LYS A 996 -5.40 12.16 -26.21
C LYS A 996 -5.81 13.10 -25.00
C LYS A 996 -5.73 13.10 -25.04
N LEU A 997 -5.20 12.75 -23.87
CA LEU A 997 -5.37 13.54 -22.68
C LEU A 997 -4.13 14.38 -22.53
N ASP A 998 -4.33 15.70 -22.54
CA ASP A 998 -3.28 16.66 -22.22
C ASP A 998 -3.67 17.34 -20.91
N VAL A 999 -3.08 16.90 -19.81
CA VAL A 999 -3.49 17.44 -18.52
C VAL A 999 -3.24 18.93 -18.37
N CYS A 1000 -2.24 19.46 -19.10
CA CYS A 1000 -1.93 20.88 -18.99
C CYS A 1000 -3.00 21.83 -19.52
N HIS A 1001 -3.93 21.29 -20.30
CA HIS A 1001 -5.04 22.10 -20.81
C HIS A 1001 -6.39 21.71 -20.16
N LEU A 1002 -6.35 21.01 -19.02
CA LEU A 1002 -7.59 20.73 -18.30
C LEU A 1002 -8.15 21.97 -17.64
N LEU A 1003 -7.29 22.91 -17.25
CA LEU A 1003 -7.74 24.16 -16.66
C LEU A 1003 -7.43 25.29 -17.61
N PRO A 1004 -8.24 26.35 -17.59
CA PRO A 1004 -8.03 27.40 -18.59
C PRO A 1004 -6.88 28.34 -18.24
N ASN A 1005 -6.56 29.24 -19.17
CA ASN A 1005 -5.50 30.23 -19.00
C ASN A 1005 -4.12 29.61 -18.71
N VAL A 1006 -3.81 28.47 -19.33
CA VAL A 1006 -2.50 27.84 -19.10
C VAL A 1006 -1.40 28.76 -19.66
N ALA A 1007 -0.37 28.98 -18.87
CA ALA A 1007 0.75 29.84 -19.22
C ALA A 1007 2.07 29.06 -19.36
N ARG A 1008 2.13 27.87 -18.76
CA ARG A 1008 3.32 27.04 -18.81
C ARG A 1008 2.91 25.62 -18.46
N CYS A 1009 3.61 24.65 -19.03
CA CYS A 1009 3.45 23.24 -18.67
C CYS A 1009 4.84 22.67 -18.51
N GLU A 1010 5.09 22.05 -17.35
CA GLU A 1010 6.41 21.51 -17.04
C GLU A 1010 6.29 20.04 -16.64
N ARG A 1011 7.21 19.22 -17.11
CA ARG A 1011 7.34 17.88 -16.53
C ARG A 1011 8.16 18.01 -15.27
N THR A 1012 7.77 17.32 -14.21
CA THR A 1012 8.43 17.43 -12.92
C THR A 1012 8.75 16.05 -12.37
N THR A 1013 9.57 16.02 -11.32
CA THR A 1013 9.65 14.81 -10.51
C THR A 1013 8.25 14.48 -9.94
N LEU A 1014 8.06 13.24 -9.50
CA LEU A 1014 6.71 12.80 -9.10
C LEU A 1014 6.19 13.51 -7.88
N THR A 1015 7.08 14.14 -7.10
CA THR A 1015 6.72 14.90 -5.92
C THR A 1015 6.36 16.34 -6.28
N PHE A 1016 6.54 16.69 -7.55
CA PHE A 1016 6.29 18.05 -8.09
C PHE A 1016 7.36 19.05 -7.67
N LEU A 1017 8.47 18.60 -7.07
CA LEU A 1017 9.41 19.52 -6.45
C LEU A 1017 10.51 20.01 -7.36
N GLN A 1018 10.74 19.37 -8.50
CA GLN A 1018 11.76 19.84 -9.42
C GLN A 1018 11.26 19.80 -10.84
N ASN A 1019 11.52 20.89 -11.58
CA ASN A 1019 11.16 20.98 -12.98
C ASN A 1019 12.20 20.26 -13.80
N LEU A 1020 11.75 19.35 -14.64
CA LEU A 1020 12.63 18.57 -15.48
C LEU A 1020 12.60 18.98 -16.94
N GLU A 1021 11.47 19.51 -17.42
CA GLU A 1021 11.35 19.85 -18.84
C GLU A 1021 10.28 20.89 -19.02
N HIS A 1022 10.58 21.95 -19.75
CA HIS A 1022 9.60 22.97 -20.14
C HIS A 1022 8.96 22.49 -21.43
N LEU A 1023 7.65 22.32 -21.45
CA LEU A 1023 7.02 21.59 -22.55
C LEU A 1023 6.50 22.48 -23.67
N ASP A 1024 6.88 22.14 -24.91
CA ASP A 1024 6.46 22.89 -26.09
C ASP A 1024 4.96 22.94 -26.24
N GLY A 1025 4.44 24.12 -26.57
CA GLY A 1025 3.01 24.28 -26.77
C GLY A 1025 2.19 24.10 -25.51
N MET A 1026 2.86 24.03 -24.36
CA MET A 1026 2.18 23.80 -23.08
C MET A 1026 1.36 22.51 -23.11
N VAL A 1027 1.84 21.51 -23.85
CA VAL A 1027 1.17 20.21 -23.99
C VAL A 1027 1.93 19.14 -23.22
N ALA A 1028 1.24 18.45 -22.31
CA ALA A 1028 1.82 17.37 -21.54
C ALA A 1028 1.62 16.09 -22.33
N PRO A 1029 2.71 15.46 -22.80
CA PRO A 1029 2.57 14.19 -23.51
C PRO A 1029 2.06 13.07 -22.61
N GLU A 1030 1.37 12.11 -23.18
CA GLU A 1030 1.08 10.88 -22.47
C GLU A 1030 2.34 10.03 -22.30
N VAL A 1031 2.27 9.11 -21.36
CA VAL A 1031 3.43 8.34 -20.94
C VAL A 1031 3.37 6.97 -21.57
N CYS A 1032 4.49 6.26 -21.52
CA CYS A 1032 4.61 4.92 -22.07
C CYS A 1032 4.03 3.87 -21.12
N PRO A 1033 3.71 2.68 -21.65
CA PRO A 1033 3.25 1.60 -20.77
C PRO A 1033 4.26 1.35 -19.65
N MET A 1034 3.72 1.22 -18.44
CA MET A 1034 4.47 1.00 -17.19
C MET A 1034 5.23 2.23 -16.69
N GLU A 1035 5.04 3.37 -17.34
CA GLU A 1035 5.67 4.59 -16.91
C GLU A 1035 4.72 5.48 -16.15
N THR A 1036 5.30 6.32 -15.29
CA THR A 1036 4.56 7.31 -14.50
C THR A 1036 5.31 8.60 -14.70
N ALA A 1037 4.57 9.67 -14.98
CA ALA A 1037 5.17 10.99 -15.12
C ALA A 1037 4.35 11.97 -14.33
N ALA A 1038 4.96 13.11 -14.03
CA ALA A 1038 4.27 14.19 -13.34
C ALA A 1038 4.40 15.46 -14.15
N TYR A 1039 3.31 16.23 -14.18
CA TYR A 1039 3.31 17.50 -14.88
C TYR A 1039 2.73 18.55 -13.98
N VAL A 1040 3.19 19.79 -14.11
CA VAL A 1040 2.59 20.92 -13.41
C VAL A 1040 2.22 21.94 -14.45
N SER A 1041 0.94 22.31 -14.45
CA SER A 1041 0.48 23.38 -15.33
C SER A 1041 0.37 24.66 -14.50
N SER A 1042 0.79 25.79 -15.10
CA SER A 1042 0.73 27.09 -14.46
C SER A 1042 -0.30 27.92 -15.18
N HIS A 1043 -1.08 28.72 -14.43
CA HIS A 1043 -2.23 29.45 -14.97
C HIS A 1043 -2.22 30.87 -14.42
N SER A 1044 -2.42 31.84 -15.31
CA SER A 1044 -2.57 33.23 -14.84
C SER A 1044 -3.92 33.39 -14.15
N SER A 1045 -3.91 33.97 -12.95
CA SER A 1045 -5.14 34.17 -12.17
C SER A 1045 -5.21 35.53 -11.51
ZN ZN B . 10.56 0.30 12.83
C1 MRD C . 19.43 -15.12 15.38
C2 MRD C . 20.80 -15.31 14.72
O2 MRD C . 21.09 -16.71 14.69
CM MRD C . 20.68 -14.85 13.27
C3 MRD C . 21.97 -14.66 15.52
C4 MRD C . 21.98 -13.12 15.65
O4 MRD C . 23.37 -12.63 15.74
C5 MRD C . 21.19 -12.65 16.87
O6 MZB D . 12.22 -5.36 15.16
S6 MZB D . 10.54 -5.17 15.22
C7 MZB D . 10.03 -6.05 13.78
C1 MZB D . 10.32 -3.50 14.62
C5 MZB D . 11.16 -2.56 15.45
N5 MZB D . 12.52 -2.36 14.93
C4 MZB D . 10.39 -1.21 15.51
O4 MZB D . 11.10 -0.18 14.83
C3 MZB D . 9.01 -1.50 14.87
O3 MZB D . 8.99 -1.03 13.50
C2 MZB D . 8.91 -3.02 14.94
O2 MZB D . 7.88 -3.55 14.07
C1 MPD E . -7.89 37.52 -16.19
C2 MPD E . -6.92 36.47 -15.68
O2 MPD E . -5.99 37.14 -14.79
CM MPD E . -7.72 35.45 -14.87
C3 MPD E . -6.16 35.70 -16.76
C4 MPD E . -6.03 36.22 -18.20
O4 MPD E . -6.21 37.62 -18.37
C5 MPD E . -4.68 35.78 -18.78
C1 MPD F . -17.87 8.72 7.79
C2 MPD F . -17.71 9.22 6.36
O2 MPD F . -19.03 9.48 5.83
CM MPD F . -16.92 10.51 6.33
C3 MPD F . -17.02 8.17 5.49
C4 MPD F . -18.05 7.18 4.90
O4 MPD F . -18.69 7.81 3.81
C5 MPD F . -17.38 5.90 4.46
#